data_2YAU
#
_entry.id   2YAU
#
_cell.length_a   103.058
_cell.length_b   103.058
_cell.length_c   191.604
_cell.angle_alpha   90.00
_cell.angle_beta   90.00
_cell.angle_gamma   90.00
#
_symmetry.space_group_name_H-M   'P 41'
#
loop_
_entity.id
_entity.type
_entity.pdbx_description
1 polymer 'TRYPANOTHIONE REDUCTASE'
2 non-polymer 'FLAVIN-ADENINE DINUCLEOTIDE'
3 non-polymer 'NADPH DIHYDRO-NICOTINAMIDE-ADENINE-DINUCLEOTIDE PHOSPHATE'
4 non-polymer 'GOLD ION'
5 non-polymer 2,3,4,6-tetra-O-acetyl-1-thio-beta-D-glucopyranose
6 non-polymer 'CHLORIDE ION'
7 non-polymer 'SULFATE ION'
#
_entity_poly.entity_id   1
_entity_poly.type   'polypeptide(L)'
_entity_poly.pdbx_seq_one_letter_code
;MGSSHHHHHHSSGLVPRGSHMSRAYDLVVLGAGSGGLEAGWNAAVTHKKKVAVVDVQATHGPPLFAALGGTCVNVGCVPK
KLMVTGAQYMDLIRESGGFGWEMDRESLCPNWKTLIAAKNKVVNSINESYKSMFADTEGLSFHMGFGALQDAHTVVVRKS
EDPHSDVLETLDTEYILIATGSWPTRLGVPGDEFCITSNEAFYLEDAPKRMLCVGGGYIAVEFAGIFNGYKPCGGYVDLC
YRGDLILRGFDTEVRKSLTKQLGANGIRVRTNLNPTKITKNEDGSNHVHFNDGTEEDYDQVMLAIGRVPRSQALQLDKAG
VRTGKNGAVQVDAYSKTSVDNIYAIGDVTNRVMLTPVAINEGAAFVETVFGGKPRATDHTKVACAVFSIPPIGTCGMTEE
EAAKNYETVAVYASSFTPLMHNISGSKHKEFMIRIITNESNGEVLGVHMLGDSAPEIIQSVGICMKMGAKISDFHSTIGV
HPTSAEELCSMRTPAYFYESGKRVEKLSSNL
;
_entity_poly.pdbx_strand_id   A,B
#
# COMPACT_ATOMS: atom_id res chain seq x y z
N MET A 21 32.51 6.34 40.11
CA MET A 21 33.30 6.79 38.97
C MET A 21 32.98 8.22 38.61
N SER A 22 31.70 8.50 38.42
CA SER A 22 31.25 9.86 38.14
C SER A 22 31.92 10.53 36.94
N ARG A 23 32.07 9.80 35.85
CA ARG A 23 32.68 10.33 34.67
C ARG A 23 31.78 11.41 34.08
N ALA A 24 32.36 12.38 33.40
CA ALA A 24 31.63 13.51 32.81
C ALA A 24 30.32 13.24 32.09
N TYR A 25 30.39 12.53 30.97
CA TYR A 25 29.27 12.24 30.07
C TYR A 25 28.87 10.79 30.26
N ASP A 26 27.58 10.52 30.42
CA ASP A 26 27.22 9.10 30.56
C ASP A 26 27.50 8.33 29.27
N LEU A 27 27.14 8.93 28.14
CA LEU A 27 27.23 8.25 26.88
C LEU A 27 27.81 9.17 25.85
N VAL A 28 28.85 8.70 25.17
CA VAL A 28 29.28 9.36 23.97
C VAL A 28 28.94 8.43 22.80
N VAL A 29 28.15 8.94 21.86
CA VAL A 29 27.84 8.22 20.63
C VAL A 29 28.68 8.80 19.49
N LEU A 30 29.50 7.96 18.87
CA LEU A 30 30.22 8.39 17.67
C LEU A 30 29.26 8.29 16.50
N GLY A 31 28.69 9.42 16.12
CA GLY A 31 27.80 9.48 14.96
C GLY A 31 26.33 9.65 15.28
N ALA A 32 25.77 10.77 14.82
CA ALA A 32 24.34 11.05 14.97
C ALA A 32 23.61 10.25 13.93
N GLY A 33 23.67 8.93 14.07
CA GLY A 33 23.06 8.02 13.12
C GLY A 33 21.59 7.90 13.36
N SER A 34 20.88 7.35 12.37
CA SER A 34 19.46 7.01 12.53
C SER A 34 19.31 6.25 13.84
N GLY A 35 20.27 5.35 14.10
CA GLY A 35 20.35 4.64 15.37
C GLY A 35 21.07 5.42 16.46
N GLY A 36 22.16 6.08 16.09
CA GLY A 36 22.93 6.89 17.03
C GLY A 36 22.06 7.90 17.73
N LEU A 37 21.43 8.76 16.93
CA LEU A 37 20.50 9.76 17.44
C LEU A 37 19.42 9.13 18.29
N GLU A 38 18.73 8.13 17.73
CA GLU A 38 17.68 7.42 18.47
C GLU A 38 18.16 7.02 19.85
N ALA A 39 19.29 6.32 19.91
CA ALA A 39 19.85 5.89 21.20
C ALA A 39 20.21 7.09 22.07
N GLY A 40 20.87 8.07 21.48
CA GLY A 40 21.22 9.31 22.17
C GLY A 40 20.00 9.96 22.78
N TRP A 41 19.08 10.39 21.91
CA TRP A 41 17.84 11.05 22.33
C TRP A 41 17.16 10.27 23.45
N ASN A 42 17.02 8.96 23.27
CA ASN A 42 16.37 8.09 24.25
C ASN A 42 16.98 8.19 25.65
N ALA A 43 18.30 8.00 25.72
CA ALA A 43 19.00 8.04 26.98
C ALA A 43 18.79 9.37 27.69
N ALA A 44 18.91 10.46 26.94
CA ALA A 44 18.81 11.81 27.50
C ALA A 44 17.41 12.14 28.03
N VAL A 45 16.39 11.68 27.31
CA VAL A 45 15.01 12.06 27.60
C VAL A 45 14.35 11.10 28.58
N THR A 46 14.33 9.80 28.23
CA THR A 46 13.67 8.80 29.06
C THR A 46 14.45 8.43 30.32
N HIS A 47 15.76 8.66 30.28
CA HIS A 47 16.64 8.32 31.41
C HIS A 47 17.53 9.47 31.89
N LYS A 48 17.41 10.63 31.25
CA LYS A 48 18.05 11.88 31.71
C LYS A 48 19.59 11.84 31.77
N LYS A 49 20.18 10.67 31.49
CA LYS A 49 21.63 10.52 31.40
C LYS A 49 22.22 11.53 30.42
N LYS A 50 23.33 12.16 30.79
CA LYS A 50 23.99 13.13 29.91
C LYS A 50 24.59 12.44 28.70
N VAL A 51 24.19 12.87 27.52
CA VAL A 51 24.66 12.29 26.28
C VAL A 51 25.34 13.34 25.41
N ALA A 52 26.47 12.99 24.82
CA ALA A 52 27.14 13.85 23.85
C ALA A 52 27.20 13.12 22.54
N VAL A 53 26.68 13.76 21.49
CA VAL A 53 26.59 13.11 20.20
C VAL A 53 27.56 13.75 19.22
N VAL A 54 28.67 13.06 18.97
CA VAL A 54 29.66 13.56 18.03
C VAL A 54 29.18 13.23 16.62
N ASP A 55 29.46 14.13 15.68
CA ASP A 55 29.28 13.87 14.25
C ASP A 55 30.11 14.85 13.43
N VAL A 56 30.24 14.57 12.14
CA VAL A 56 31.17 15.27 11.27
C VAL A 56 30.80 16.75 11.05
N GLN A 57 29.57 17.01 10.61
CA GLN A 57 29.17 18.37 10.22
C GLN A 57 27.71 18.74 10.51
N ALA A 58 27.36 19.98 10.17
CA ALA A 58 26.10 20.63 10.57
C ALA A 58 24.85 20.08 9.88
N THR A 59 24.74 20.37 8.58
CA THR A 59 23.65 19.90 7.72
C THR A 59 24.22 19.03 6.59
N HIS A 60 23.34 18.39 5.81
CA HIS A 60 23.78 17.50 4.71
C HIS A 60 24.78 18.22 3.81
N GLY A 61 25.88 17.55 3.47
CA GLY A 61 27.01 18.26 2.88
C GLY A 61 27.72 17.60 1.70
N PRO A 62 27.92 18.36 0.62
CA PRO A 62 28.69 17.88 -0.54
C PRO A 62 30.21 17.75 -0.34
N PRO A 63 30.80 18.39 0.70
CA PRO A 63 32.19 18.00 1.00
C PRO A 63 32.29 16.67 1.78
N LEU A 64 31.69 16.63 2.97
CA LEU A 64 31.66 15.42 3.81
C LEU A 64 30.20 14.98 3.92
N PHE A 65 29.84 13.94 3.18
CA PHE A 65 28.43 13.75 2.79
C PHE A 65 27.40 13.55 3.91
N ALA A 66 27.70 12.64 4.83
CA ALA A 66 26.82 12.37 5.95
C ALA A 66 26.87 13.54 6.94
N ALA A 67 25.88 13.63 7.82
CA ALA A 67 25.78 14.74 8.77
C ALA A 67 25.00 14.35 10.02
N LEU A 68 24.67 15.35 10.83
CA LEU A 68 23.71 15.19 11.92
C LEU A 68 22.40 14.72 11.32
N GLY A 69 22.07 13.46 11.56
CA GLY A 69 20.85 12.85 11.02
C GLY A 69 21.00 11.38 10.67
N GLY A 70 22.04 11.07 9.91
CA GLY A 70 22.31 9.70 9.49
C GLY A 70 22.62 9.59 8.01
N THR A 71 23.17 8.46 7.60
CA THR A 71 23.51 8.24 6.20
C THR A 71 22.25 8.00 5.38
N CYS A 72 21.12 7.83 6.06
CA CYS A 72 19.86 7.71 5.33
C CYS A 72 18.97 8.95 5.43
N VAL A 73 19.12 9.72 6.51
CA VAL A 73 18.39 10.98 6.62
C VAL A 73 18.98 11.99 5.63
N ASN A 74 20.30 11.96 5.48
CA ASN A 74 21.01 12.96 4.69
C ASN A 74 21.35 12.55 3.26
N VAL A 75 21.91 11.35 3.09
CA VAL A 75 22.28 10.87 1.76
C VAL A 75 21.74 9.46 1.51
N GLY A 76 20.50 9.25 1.93
CA GLY A 76 19.85 7.95 1.81
C GLY A 76 18.34 8.05 1.67
N CYS A 77 17.62 7.30 2.50
CA CYS A 77 16.18 7.08 2.33
C CYS A 77 15.35 8.32 1.97
N VAL A 78 15.69 9.47 2.56
CA VAL A 78 14.95 10.72 2.29
C VAL A 78 15.19 11.23 0.85
N PRO A 79 16.37 11.80 0.56
CA PRO A 79 16.65 12.28 -0.81
C PRO A 79 16.44 11.22 -1.88
N LYS A 80 16.69 9.97 -1.54
CA LYS A 80 16.46 8.84 -2.42
C LYS A 80 15.00 8.85 -2.81
N LYS A 81 14.12 8.65 -1.82
CA LYS A 81 12.69 8.49 -2.10
C LYS A 81 12.10 9.68 -2.85
N LEU A 82 12.42 10.89 -2.42
CA LEU A 82 11.97 12.07 -3.14
C LEU A 82 12.27 11.92 -4.62
N MET A 83 13.52 11.59 -4.95
CA MET A 83 13.94 11.44 -6.33
C MET A 83 13.23 10.29 -7.04
N VAL A 84 13.10 9.16 -6.36
CA VAL A 84 12.36 8.02 -6.91
C VAL A 84 10.92 8.42 -7.21
N THR A 85 10.33 9.23 -6.32
CA THR A 85 8.96 9.72 -6.49
C THR A 85 8.90 10.63 -7.71
N GLY A 86 9.93 11.45 -7.86
CA GLY A 86 10.05 12.34 -9.02
C GLY A 86 10.14 11.57 -10.32
N ALA A 87 11.00 10.56 -10.34
CA ALA A 87 11.21 9.74 -11.53
C ALA A 87 9.97 8.95 -11.91
N GLN A 88 9.21 8.57 -10.90
CA GLN A 88 7.99 7.81 -11.08
C GLN A 88 7.02 8.54 -11.99
N TYR A 89 7.01 9.87 -11.90
CA TYR A 89 6.04 10.69 -12.62
C TYR A 89 6.10 10.51 -14.13
N MET A 90 7.28 10.18 -14.65
CA MET A 90 7.49 9.94 -16.07
C MET A 90 6.51 8.93 -16.62
N ASP A 91 6.46 7.77 -15.98
CA ASP A 91 5.48 6.74 -16.32
C ASP A 91 4.08 7.33 -16.18
N LEU A 92 3.80 7.91 -15.01
CA LEU A 92 2.48 8.42 -14.67
C LEU A 92 1.95 9.48 -15.64
N ILE A 93 2.85 10.27 -16.21
CA ILE A 93 2.46 11.29 -17.17
C ILE A 93 2.07 10.65 -18.50
N ARG A 94 2.85 9.67 -18.93
CA ARG A 94 2.57 8.94 -20.15
C ARG A 94 1.26 8.16 -19.99
N GLU A 95 1.10 7.53 -18.83
CA GLU A 95 -0.03 6.64 -18.53
C GLU A 95 -1.37 7.37 -18.56
N SER A 96 -1.39 8.56 -17.97
CA SER A 96 -2.61 9.35 -17.81
C SER A 96 -3.35 9.57 -19.13
N GLY A 97 -2.59 9.74 -20.20
CA GLY A 97 -3.14 9.99 -21.54
C GLY A 97 -4.23 9.02 -21.92
N GLY A 98 -4.00 7.74 -21.63
CA GLY A 98 -5.00 6.70 -21.85
C GLY A 98 -6.23 6.88 -20.99
N PHE A 99 -6.12 7.72 -19.95
CA PHE A 99 -7.24 8.07 -19.07
C PHE A 99 -7.90 9.38 -19.50
N GLY A 100 -7.59 9.84 -20.71
CA GLY A 100 -8.21 11.03 -21.30
C GLY A 100 -7.50 12.30 -20.89
N TRP A 101 -6.31 12.14 -20.35
CA TRP A 101 -5.50 13.28 -19.97
C TRP A 101 -4.58 13.71 -21.11
N GLU A 102 -5.17 14.39 -22.10
CA GLU A 102 -4.44 14.82 -23.29
C GLU A 102 -3.58 16.03 -22.94
N MET A 103 -2.33 16.00 -23.35
CA MET A 103 -1.37 17.07 -23.04
C MET A 103 -0.38 17.28 -24.18
N ASP A 104 0.63 18.12 -23.94
CA ASP A 104 1.76 18.20 -24.86
C ASP A 104 2.69 16.99 -24.66
N ARG A 105 2.38 15.90 -25.38
CA ARG A 105 3.15 14.65 -25.31
C ARG A 105 4.58 14.86 -25.83
N GLU A 106 4.80 16.05 -26.40
CA GLU A 106 5.94 16.35 -27.26
C GLU A 106 7.29 16.31 -26.58
N SER A 107 7.76 15.08 -26.29
CA SER A 107 9.10 14.79 -25.78
C SER A 107 9.60 15.82 -24.73
N LEU A 108 8.73 16.20 -23.79
CA LEU A 108 9.15 17.10 -22.70
C LEU A 108 9.86 16.29 -21.61
N CYS A 109 11.03 16.80 -21.21
CA CYS A 109 11.87 16.10 -20.25
C CYS A 109 11.87 16.80 -18.89
N PRO A 110 12.32 16.09 -17.82
CA PRO A 110 12.30 16.67 -16.48
C PRO A 110 13.36 17.76 -16.28
N ASN A 111 13.15 18.65 -15.31
CA ASN A 111 14.16 19.63 -14.95
C ASN A 111 14.93 19.23 -13.68
N TRP A 112 16.08 18.60 -13.88
CA TRP A 112 16.90 18.10 -12.78
C TRP A 112 17.11 19.16 -11.71
N LYS A 113 17.43 20.38 -12.15
CA LYS A 113 17.77 21.46 -11.23
C LYS A 113 16.66 21.69 -10.21
N THR A 114 15.44 21.94 -10.68
CA THR A 114 14.32 22.23 -9.79
C THR A 114 14.03 21.11 -8.78
N LEU A 115 14.52 19.90 -9.09
CA LEU A 115 14.34 18.73 -8.22
C LEU A 115 15.32 18.73 -7.05
N ILE A 116 16.61 18.82 -7.38
CA ILE A 116 17.64 18.93 -6.37
C ILE A 116 17.40 20.19 -5.55
N ALA A 117 16.95 21.25 -6.23
CA ALA A 117 16.61 22.52 -5.59
C ALA A 117 15.60 22.31 -4.47
N ALA A 118 14.51 21.61 -4.79
CA ALA A 118 13.47 21.31 -3.82
C ALA A 118 13.90 20.20 -2.88
N LYS A 119 14.82 19.35 -3.33
CA LYS A 119 15.38 18.28 -2.48
C LYS A 119 16.17 18.84 -1.30
N ASN A 120 17.16 19.68 -1.61
CA ASN A 120 18.00 20.29 -0.59
C ASN A 120 17.15 21.05 0.43
N LYS A 121 16.33 21.97 -0.06
CA LYS A 121 15.43 22.78 0.80
C LYS A 121 14.55 21.93 1.71
N VAL A 122 14.38 20.66 1.37
CA VAL A 122 13.62 19.73 2.20
C VAL A 122 14.52 19.00 3.20
N VAL A 123 15.67 18.54 2.74
CA VAL A 123 16.63 17.91 3.64
C VAL A 123 17.19 18.97 4.56
N ASN A 124 17.83 19.98 3.99
CA ASN A 124 18.40 21.11 4.74
C ASN A 124 17.46 21.54 5.87
N SER A 125 16.17 21.51 5.59
CA SER A 125 15.15 21.83 6.58
C SER A 125 15.15 20.87 7.75
N ILE A 126 15.38 19.59 7.48
CA ILE A 126 15.37 18.57 8.54
C ILE A 126 16.50 18.77 9.54
N ASN A 127 17.66 19.18 9.05
CA ASN A 127 18.80 19.47 9.91
C ASN A 127 18.59 20.72 10.76
N GLU A 128 17.68 21.58 10.32
CA GLU A 128 17.38 22.80 11.04
C GLU A 128 16.49 22.53 12.23
N SER A 129 15.66 21.49 12.10
CA SER A 129 14.80 21.01 13.19
C SER A 129 15.58 20.08 14.13
N TYR A 130 16.72 19.60 13.65
CA TYR A 130 17.64 18.81 14.45
C TYR A 130 18.49 19.67 15.39
N LYS A 131 19.07 20.76 14.86
CA LYS A 131 19.82 21.71 15.68
C LYS A 131 18.90 22.24 16.79
N SER A 132 17.65 22.50 16.42
CA SER A 132 16.65 23.01 17.33
C SER A 132 16.22 21.97 18.36
N MET A 133 16.33 20.69 18.01
CA MET A 133 16.14 19.64 19.00
C MET A 133 17.21 19.73 20.08
N PHE A 134 18.47 19.80 19.65
CA PHE A 134 19.59 19.82 20.59
C PHE A 134 19.56 21.03 21.50
N ALA A 135 19.20 22.18 20.93
CA ALA A 135 19.02 23.38 21.73
C ALA A 135 17.94 23.15 22.79
N ASP A 136 16.87 22.43 22.43
CA ASP A 136 15.72 22.26 23.32
C ASP A 136 15.84 21.11 24.32
N THR A 137 16.59 20.07 23.97
CA THR A 137 16.67 18.88 24.82
C THR A 137 17.83 18.93 25.80
N GLU A 138 17.56 18.50 27.03
CA GLU A 138 18.54 18.56 28.12
C GLU A 138 19.21 17.24 28.43
N GLY A 139 20.54 17.27 28.46
CA GLY A 139 21.34 16.07 28.57
C GLY A 139 22.02 15.79 27.25
N LEU A 140 21.38 16.21 26.17
CA LEU A 140 21.91 16.06 24.81
C LEU A 140 22.87 17.17 24.45
N SER A 141 23.89 16.82 23.66
CA SER A 141 24.89 17.77 23.20
C SER A 141 25.57 17.28 21.91
N PHE A 142 25.52 18.11 20.87
CA PHE A 142 26.15 17.79 19.59
C PHE A 142 27.58 18.31 19.56
N HIS A 143 28.52 17.42 19.19
CA HIS A 143 29.93 17.79 19.08
C HIS A 143 30.45 17.53 17.66
N MET A 144 30.91 18.59 17.01
CA MET A 144 31.30 18.52 15.60
C MET A 144 32.77 18.20 15.43
N GLY A 145 33.04 17.20 14.59
CA GLY A 145 34.40 16.72 14.31
C GLY A 145 34.42 15.22 14.12
N PHE A 146 35.60 14.68 13.83
CA PHE A 146 35.76 13.24 13.66
C PHE A 146 36.23 12.57 14.93
N GLY A 147 35.34 11.75 15.51
CA GLY A 147 35.61 11.03 16.75
C GLY A 147 36.57 9.87 16.60
N ALA A 148 37.24 9.51 17.70
CA ALA A 148 38.17 8.39 17.78
C ALA A 148 38.28 7.94 19.24
N LEU A 149 38.82 6.74 19.45
CA LEU A 149 38.98 6.23 20.80
C LEU A 149 40.41 6.41 21.33
N GLN A 150 40.49 6.81 22.59
CA GLN A 150 41.76 6.93 23.31
C GLN A 150 41.88 5.68 24.16
N ASP A 151 40.81 5.41 24.91
CA ASP A 151 40.64 4.21 25.71
C ASP A 151 39.14 3.99 25.95
N ALA A 152 38.81 3.14 26.91
CA ALA A 152 37.43 2.71 27.15
C ALA A 152 36.46 3.80 27.63
N HIS A 153 37.00 4.95 28.08
CA HIS A 153 36.17 5.99 28.66
C HIS A 153 36.44 7.37 28.07
N THR A 154 37.41 7.44 27.16
CA THR A 154 37.82 8.71 26.60
C THR A 154 37.63 8.75 25.09
N VAL A 155 36.70 9.61 24.64
CA VAL A 155 36.50 9.87 23.22
C VAL A 155 37.15 11.19 22.88
N VAL A 156 38.01 11.17 21.86
CA VAL A 156 38.69 12.36 21.41
C VAL A 156 37.94 12.87 20.19
N VAL A 157 37.94 14.19 20.01
CA VAL A 157 37.33 14.78 18.82
C VAL A 157 38.39 15.55 18.04
N ARG A 158 38.60 15.19 16.77
CA ARG A 158 39.57 15.83 15.88
C ARG A 158 38.86 16.55 14.76
N LYS A 159 39.47 17.61 14.22
CA LYS A 159 38.86 18.29 13.08
C LYS A 159 39.08 17.59 11.72
N SER A 160 39.99 16.62 11.69
CA SER A 160 40.19 15.77 10.50
C SER A 160 40.14 14.28 10.89
N GLU A 161 39.86 13.42 9.91
CA GLU A 161 39.96 11.96 10.11
C GLU A 161 41.41 11.60 10.38
N ASP A 162 42.30 12.32 9.70
CA ASP A 162 43.74 12.33 9.94
C ASP A 162 44.02 12.46 11.44
N PRO A 163 44.60 11.40 12.06
CA PRO A 163 44.89 11.39 13.50
C PRO A 163 46.10 12.25 13.86
N HIS A 164 46.69 12.90 12.85
CA HIS A 164 47.78 13.84 13.06
C HIS A 164 47.28 15.29 13.25
N SER A 165 46.00 15.55 12.95
CA SER A 165 45.44 16.90 12.99
C SER A 165 45.13 17.40 14.42
N ASP A 166 44.40 18.51 14.49
CA ASP A 166 44.10 19.19 15.75
C ASP A 166 43.17 18.44 16.71
N VAL A 167 43.55 18.46 18.00
CA VAL A 167 42.73 17.94 19.08
C VAL A 167 41.70 19.02 19.44
N LEU A 168 40.41 18.72 19.27
CA LEU A 168 39.37 19.74 19.43
C LEU A 168 38.62 19.69 20.77
N GLU A 169 38.23 18.48 21.20
CA GLU A 169 37.58 18.25 22.50
C GLU A 169 37.99 16.88 23.00
N THR A 170 38.05 16.72 24.32
CA THR A 170 38.31 15.40 24.89
C THR A 170 37.23 15.05 25.92
N LEU A 171 36.43 14.03 25.59
CA LEU A 171 35.18 13.72 26.30
C LEU A 171 35.28 12.47 27.17
N ASP A 172 34.89 12.61 28.44
CA ASP A 172 35.00 11.55 29.43
C ASP A 172 33.63 10.91 29.67
N THR A 173 33.50 9.62 29.35
CA THR A 173 32.20 8.94 29.42
C THR A 173 32.20 7.55 30.07
N GLU A 174 31.04 7.18 30.63
CA GLU A 174 30.78 5.83 31.14
C GLU A 174 30.71 4.83 30.01
N TYR A 175 29.91 5.18 28.98
CA TYR A 175 29.65 4.30 27.85
C TYR A 175 29.95 4.98 26.53
N ILE A 176 30.46 4.19 25.59
CA ILE A 176 30.65 4.62 24.20
C ILE A 176 29.73 3.81 23.28
N LEU A 177 29.10 4.50 22.33
CA LEU A 177 28.30 3.83 21.30
C LEU A 177 28.83 4.18 19.90
N ILE A 178 29.20 3.14 19.16
CA ILE A 178 29.69 3.31 17.78
C ILE A 178 28.53 3.18 16.81
N ALA A 179 28.28 4.25 16.05
CA ALA A 179 27.15 4.28 15.14
C ALA A 179 27.58 4.96 13.86
N THR A 180 28.86 4.79 13.50
CA THR A 180 29.45 5.50 12.36
C THR A 180 29.01 4.96 11.00
N GLY A 181 28.25 3.86 11.04
CA GLY A 181 27.63 3.30 9.84
C GLY A 181 28.58 2.82 8.76
N SER A 182 28.20 3.07 7.52
CA SER A 182 28.84 2.47 6.35
C SER A 182 29.28 3.50 5.32
N TRP A 183 30.09 3.05 4.36
CA TRP A 183 30.68 3.91 3.33
C TRP A 183 30.81 3.19 1.97
N PRO A 184 30.65 3.93 0.84
CA PRO A 184 30.87 3.36 -0.48
C PRO A 184 32.11 2.47 -0.56
N THR A 185 31.90 1.21 -0.98
CA THR A 185 33.01 0.33 -1.36
C THR A 185 33.37 0.63 -2.82
N ARG A 186 34.61 1.03 -3.06
CA ARG A 186 35.08 1.25 -4.42
C ARG A 186 35.56 -0.07 -5.00
N LEU A 187 35.91 -0.05 -6.28
CA LEU A 187 36.57 -1.23 -6.86
C LEU A 187 38.02 -0.91 -7.25
N GLY A 188 38.92 -1.85 -6.95
CA GLY A 188 40.35 -1.71 -7.26
C GLY A 188 40.62 -1.75 -8.75
N VAL A 189 40.39 -0.61 -9.41
CA VAL A 189 40.52 -0.48 -10.85
C VAL A 189 41.01 0.92 -11.23
N PRO A 190 41.89 1.00 -12.24
CA PRO A 190 42.29 2.26 -12.87
C PRO A 190 41.14 3.03 -13.51
N GLY A 191 41.02 4.29 -13.10
CA GLY A 191 39.89 5.14 -13.48
C GLY A 191 38.85 5.23 -12.38
N ASP A 192 39.09 4.51 -11.28
CA ASP A 192 38.15 4.42 -10.16
C ASP A 192 37.70 5.78 -9.66
N GLU A 193 38.65 6.70 -9.52
CA GLU A 193 38.38 8.05 -9.01
C GLU A 193 37.64 8.94 -10.02
N PHE A 194 37.34 8.41 -11.20
CA PHE A 194 36.49 9.11 -12.17
C PHE A 194 35.01 8.85 -11.91
N CYS A 195 34.74 7.87 -11.03
CA CYS A 195 33.38 7.42 -10.75
C CYS A 195 32.72 8.18 -9.60
N ILE A 196 31.41 8.34 -9.72
CA ILE A 196 30.60 8.87 -8.62
C ILE A 196 29.96 7.72 -7.85
N THR A 197 29.46 7.99 -6.64
CA THR A 197 28.83 6.98 -5.78
C THR A 197 27.40 7.36 -5.44
N SER A 198 26.80 6.67 -4.48
CA SER A 198 25.50 7.08 -3.98
C SER A 198 25.58 8.47 -3.35
N ASN A 199 26.65 8.72 -2.61
CA ASN A 199 26.91 10.03 -1.98
C ASN A 199 26.94 11.20 -2.96
N GLU A 200 27.85 11.14 -3.96
CA GLU A 200 28.02 12.22 -4.93
C GLU A 200 26.84 12.31 -5.90
N ALA A 201 26.11 11.20 -6.03
CA ALA A 201 25.01 11.09 -6.97
C ALA A 201 24.01 12.18 -6.73
N PHE A 202 23.77 12.45 -5.44
CA PHE A 202 22.73 13.36 -5.01
C PHE A 202 22.94 14.83 -5.35
N TYR A 203 24.18 15.23 -5.62
CA TYR A 203 24.49 16.66 -5.77
C TYR A 203 24.95 17.06 -7.16
N LEU A 204 24.90 16.12 -8.11
CA LEU A 204 25.22 16.37 -9.52
C LEU A 204 24.60 17.65 -10.05
N GLU A 205 25.45 18.53 -10.57
CA GLU A 205 25.02 19.83 -11.11
C GLU A 205 23.95 19.60 -12.17
N ASP A 206 24.17 18.59 -13.00
CA ASP A 206 23.28 18.29 -14.10
C ASP A 206 22.87 16.82 -14.30
N ALA A 207 21.71 16.65 -14.95
CA ALA A 207 21.13 15.35 -15.24
C ALA A 207 21.94 14.63 -16.33
N PRO A 208 22.42 13.41 -16.03
CA PRO A 208 23.21 12.68 -17.04
C PRO A 208 22.39 12.06 -18.18
N LYS A 209 22.83 12.31 -19.41
CA LYS A 209 22.30 11.67 -20.61
C LYS A 209 22.84 10.23 -20.70
N ARG A 210 24.15 10.11 -20.88
CA ARG A 210 24.78 8.81 -21.01
C ARG A 210 25.17 8.28 -19.63
N MET A 211 24.29 7.48 -19.04
CA MET A 211 24.43 7.05 -17.65
C MET A 211 24.74 5.57 -17.48
N LEU A 212 25.72 5.26 -16.63
CA LEU A 212 26.00 3.87 -16.27
C LEU A 212 26.05 3.71 -14.75
N CYS A 213 25.12 2.92 -14.19
CA CYS A 213 25.21 2.51 -12.80
C CYS A 213 25.91 1.17 -12.78
N VAL A 214 26.78 0.94 -11.82
CA VAL A 214 27.53 -0.33 -11.78
C VAL A 214 27.26 -1.14 -10.53
N GLY A 215 26.80 -2.38 -10.74
CA GLY A 215 26.43 -3.28 -9.65
C GLY A 215 24.98 -3.72 -9.67
N GLY A 216 24.61 -4.61 -8.75
CA GLY A 216 23.27 -5.15 -8.71
C GLY A 216 22.73 -5.21 -7.31
N GLY A 217 23.00 -4.18 -6.53
CA GLY A 217 22.50 -4.06 -5.17
C GLY A 217 21.43 -2.98 -5.02
N TYR A 218 20.73 -2.97 -3.89
CA TYR A 218 19.67 -2.01 -3.60
C TYR A 218 19.88 -0.68 -4.30
N ILE A 219 21.02 -0.05 -4.00
CA ILE A 219 21.39 1.26 -4.55
C ILE A 219 21.35 1.25 -6.07
N ALA A 220 22.06 0.30 -6.67
CA ALA A 220 22.17 0.18 -8.12
C ALA A 220 20.82 0.27 -8.83
N VAL A 221 19.89 -0.58 -8.39
CA VAL A 221 18.60 -0.71 -9.03
C VAL A 221 17.76 0.52 -8.82
N GLU A 222 17.74 1.01 -7.59
CA GLU A 222 16.92 2.15 -7.25
C GLU A 222 17.36 3.37 -8.04
N PHE A 223 18.68 3.57 -8.09
CA PHE A 223 19.26 4.72 -8.77
C PHE A 223 19.19 4.62 -10.27
N ALA A 224 19.30 3.40 -10.78
CA ALA A 224 19.03 3.14 -12.17
C ALA A 224 17.71 3.79 -12.51
N GLY A 225 16.67 3.45 -11.75
CA GLY A 225 15.36 4.06 -11.90
C GLY A 225 15.38 5.59 -11.97
N ILE A 226 15.99 6.23 -10.99
CA ILE A 226 15.98 7.69 -10.88
C ILE A 226 16.53 8.36 -12.12
N PHE A 227 17.80 8.10 -12.43
CA PHE A 227 18.42 8.71 -13.59
C PHE A 227 17.62 8.42 -14.85
N ASN A 228 17.08 7.21 -14.94
CA ASN A 228 16.20 6.81 -16.04
C ASN A 228 14.96 7.70 -16.14
N GLY A 229 14.44 8.10 -14.99
CA GLY A 229 13.33 9.03 -14.96
C GLY A 229 13.83 10.41 -15.30
N TYR A 230 14.98 10.74 -14.73
CA TYR A 230 15.53 12.08 -14.83
C TYR A 230 16.61 12.24 -15.90
N LYS A 231 16.55 11.41 -16.92
CA LYS A 231 17.42 11.58 -18.09
C LYS A 231 16.89 12.71 -18.97
N PRO A 232 17.80 13.54 -19.52
CA PRO A 232 17.37 14.56 -20.47
C PRO A 232 16.88 13.85 -21.73
N CYS A 233 16.34 14.58 -22.69
CA CYS A 233 15.76 13.93 -23.86
C CYS A 233 16.82 13.21 -24.70
N GLY A 234 16.57 11.93 -24.96
CA GLY A 234 17.45 11.11 -25.77
C GLY A 234 18.35 10.21 -24.95
N GLY A 235 18.42 10.49 -23.66
CA GLY A 235 19.32 9.79 -22.76
C GLY A 235 19.01 8.32 -22.52
N TYR A 236 20.03 7.58 -22.11
CA TYR A 236 19.91 6.16 -21.82
C TYR A 236 20.65 5.80 -20.53
N VAL A 237 20.13 4.80 -19.82
CA VAL A 237 20.78 4.30 -18.62
C VAL A 237 21.04 2.81 -18.73
N ASP A 238 22.33 2.45 -18.76
CA ASP A 238 22.76 1.06 -18.80
C ASP A 238 23.01 0.57 -17.40
N LEU A 239 22.81 -0.71 -17.18
CA LEU A 239 23.09 -1.32 -15.90
C LEU A 239 23.98 -2.52 -16.16
N CYS A 240 25.12 -2.57 -15.49
CA CYS A 240 26.03 -3.71 -15.59
C CYS A 240 26.15 -4.42 -14.25
N TYR A 241 26.40 -5.71 -14.29
CA TYR A 241 26.55 -6.48 -13.06
C TYR A 241 27.50 -7.65 -13.25
N ARG A 242 28.40 -7.83 -12.27
CA ARG A 242 29.40 -8.90 -12.29
C ARG A 242 28.84 -10.30 -12.61
N GLY A 243 27.71 -10.66 -11.98
CA GLY A 243 27.09 -12.00 -12.13
C GLY A 243 25.98 -12.07 -13.18
N ASP A 244 25.22 -13.18 -13.18
CA ASP A 244 24.24 -13.44 -14.23
C ASP A 244 22.78 -13.12 -13.89
N LEU A 245 22.52 -12.73 -12.65
CA LEU A 245 21.18 -12.29 -12.24
C LEU A 245 21.27 -11.19 -11.17
N ILE A 246 20.54 -10.09 -11.38
CA ILE A 246 20.60 -8.95 -10.45
C ILE A 246 19.96 -9.24 -9.10
N LEU A 247 20.46 -8.55 -8.08
CA LEU A 247 19.89 -8.60 -6.73
C LEU A 247 20.00 -9.99 -6.12
N ARG A 248 21.24 -10.44 -5.92
CA ARG A 248 21.51 -11.68 -5.21
C ARG A 248 20.86 -11.67 -3.83
N GLY A 249 19.99 -12.63 -3.56
CA GLY A 249 19.36 -12.75 -2.25
C GLY A 249 17.93 -12.27 -2.18
N PHE A 250 17.22 -12.34 -3.31
CA PHE A 250 15.78 -12.09 -3.33
C PHE A 250 15.11 -13.26 -4.00
N ASP A 251 13.78 -13.34 -3.89
CA ASP A 251 13.05 -14.42 -4.55
C ASP A 251 13.46 -14.47 -6.02
N THR A 252 14.19 -15.53 -6.34
CA THR A 252 14.81 -15.73 -7.65
C THR A 252 13.85 -15.51 -8.83
N GLU A 253 12.56 -15.42 -8.53
CA GLU A 253 11.56 -15.17 -9.56
C GLU A 253 11.23 -13.69 -9.63
N VAL A 254 11.21 -13.05 -8.46
CA VAL A 254 11.05 -11.60 -8.37
C VAL A 254 12.18 -10.91 -9.12
N ARG A 255 13.42 -11.35 -8.83
CA ARG A 255 14.61 -10.81 -9.47
C ARG A 255 14.49 -10.83 -11.00
N LYS A 256 14.09 -11.96 -11.56
CA LYS A 256 13.89 -12.09 -13.00
C LYS A 256 12.88 -11.06 -13.53
N SER A 257 11.69 -11.01 -12.92
CA SER A 257 10.61 -10.15 -13.40
C SER A 257 10.98 -8.67 -13.34
N LEU A 258 11.79 -8.32 -12.35
CA LEU A 258 12.29 -6.96 -12.22
C LEU A 258 13.29 -6.65 -13.32
N THR A 259 14.21 -7.58 -13.56
CA THR A 259 15.23 -7.44 -14.61
C THR A 259 14.55 -7.27 -15.96
N LYS A 260 13.41 -7.95 -16.14
CA LYS A 260 12.62 -7.80 -17.34
C LYS A 260 12.01 -6.40 -17.39
N GLN A 261 11.33 -6.02 -16.31
CA GLN A 261 10.57 -4.78 -16.28
C GLN A 261 11.41 -3.51 -16.40
N LEU A 262 12.64 -3.57 -15.88
CA LEU A 262 13.57 -2.48 -16.08
C LEU A 262 13.83 -2.30 -17.56
N GLY A 263 13.95 -3.42 -18.27
CA GLY A 263 14.09 -3.40 -19.72
C GLY A 263 12.98 -2.55 -20.31
N ALA A 264 11.74 -2.94 -19.99
CA ALA A 264 10.54 -2.31 -20.55
C ALA A 264 10.42 -0.82 -20.23
N ASN A 265 10.97 -0.41 -19.09
CA ASN A 265 10.95 0.99 -18.68
C ASN A 265 12.09 1.83 -19.28
N GLY A 266 13.01 1.16 -19.98
CA GLY A 266 14.06 1.84 -20.73
C GLY A 266 15.48 1.64 -20.23
N ILE A 267 15.65 0.88 -19.16
CA ILE A 267 16.99 0.66 -18.62
C ILE A 267 17.56 -0.59 -19.27
N ARG A 268 18.66 -0.39 -19.99
CA ARG A 268 19.35 -1.49 -20.62
C ARG A 268 20.18 -2.19 -19.55
N VAL A 269 19.73 -3.36 -19.09
CA VAL A 269 20.46 -4.12 -18.09
C VAL A 269 21.54 -4.89 -18.80
N ARG A 270 22.61 -5.21 -18.07
CA ARG A 270 23.70 -6.08 -18.59
C ARG A 270 24.31 -6.98 -17.51
N THR A 271 24.40 -8.27 -17.81
CA THR A 271 24.93 -9.25 -16.87
C THR A 271 26.31 -9.75 -17.30
N ASN A 272 27.03 -10.37 -16.37
CA ASN A 272 28.39 -10.89 -16.59
C ASN A 272 29.31 -9.91 -17.31
N LEU A 273 29.17 -8.64 -16.93
CA LEU A 273 29.91 -7.55 -17.54
C LEU A 273 30.46 -6.66 -16.44
N ASN A 274 31.73 -6.27 -16.57
CA ASN A 274 32.39 -5.51 -15.52
C ASN A 274 33.46 -4.61 -16.12
N PRO A 275 33.49 -3.33 -15.70
CA PRO A 275 34.51 -2.42 -16.19
C PRO A 275 35.92 -2.76 -15.66
N THR A 276 36.95 -2.37 -16.43
CA THR A 276 38.35 -2.64 -16.10
C THR A 276 39.22 -1.39 -16.18
N LYS A 277 38.87 -0.49 -17.08
CA LYS A 277 39.62 0.76 -17.25
C LYS A 277 38.69 1.92 -17.58
N ILE A 278 38.91 3.04 -16.90
CA ILE A 278 38.14 4.25 -17.16
C ILE A 278 39.11 5.43 -17.37
N THR A 279 38.84 6.22 -18.42
CA THR A 279 39.69 7.33 -18.81
C THR A 279 38.82 8.53 -19.18
N LYS A 280 39.22 9.72 -18.73
CA LYS A 280 38.44 10.94 -18.95
C LYS A 280 38.70 11.61 -20.29
N ASN A 281 37.63 12.05 -20.95
CA ASN A 281 37.70 12.55 -22.32
C ASN A 281 37.87 14.05 -22.52
N GLU A 282 37.94 14.42 -23.81
CA GLU A 282 38.16 15.79 -24.27
C GLU A 282 37.03 16.72 -23.87
N ASP A 283 35.80 16.24 -24.01
CA ASP A 283 34.60 17.01 -23.65
C ASP A 283 34.21 16.77 -22.18
N GLY A 284 35.08 16.08 -21.44
CA GLY A 284 34.84 15.78 -20.04
C GLY A 284 34.26 14.40 -19.81
N SER A 285 33.45 13.93 -20.77
CA SER A 285 32.76 12.64 -20.69
C SER A 285 33.73 11.48 -20.41
N ASN A 286 33.22 10.43 -19.76
CA ASN A 286 34.06 9.32 -19.30
C ASN A 286 34.02 8.07 -20.20
N HIS A 287 35.21 7.55 -20.52
CA HIS A 287 35.34 6.38 -21.40
C HIS A 287 35.55 5.11 -20.56
N VAL A 288 34.92 4.01 -20.98
CA VAL A 288 34.86 2.77 -20.18
C VAL A 288 35.31 1.51 -20.93
N HIS A 289 36.17 0.71 -20.29
CA HIS A 289 36.62 -0.58 -20.81
C HIS A 289 35.97 -1.72 -20.06
N PHE A 290 35.31 -2.61 -20.79
CA PHE A 290 34.48 -3.67 -20.19
C PHE A 290 35.11 -5.06 -20.19
N ASN A 291 34.41 -6.02 -19.56
CA ASN A 291 34.82 -7.42 -19.54
C ASN A 291 34.70 -8.14 -20.88
N ASP A 292 33.59 -7.91 -21.58
CA ASP A 292 33.38 -8.43 -22.93
C ASP A 292 34.36 -7.80 -23.91
N GLY A 293 35.00 -6.72 -23.47
CA GLY A 293 36.06 -6.06 -24.23
C GLY A 293 35.63 -4.83 -25.01
N THR A 294 34.37 -4.41 -24.87
CA THR A 294 33.92 -3.22 -25.58
C THR A 294 34.40 -1.92 -24.93
N GLU A 295 34.28 -0.83 -25.68
CA GLU A 295 34.54 0.52 -25.21
C GLU A 295 33.30 1.37 -25.42
N GLU A 296 32.80 2.00 -24.35
CA GLU A 296 31.61 2.86 -24.44
C GLU A 296 31.75 4.19 -23.71
N ASP A 297 31.07 5.21 -24.23
CA ASP A 297 31.13 6.54 -23.66
C ASP A 297 29.93 6.89 -22.78
N TYR A 298 30.23 7.42 -21.59
CA TYR A 298 29.23 7.77 -20.59
C TYR A 298 29.50 9.13 -19.95
N ASP A 299 28.45 9.94 -19.79
CA ASP A 299 28.55 11.21 -19.06
C ASP A 299 28.94 10.96 -17.60
N GLN A 300 28.35 9.95 -16.98
CA GLN A 300 28.65 9.61 -15.59
C GLN A 300 28.72 8.13 -15.37
N VAL A 301 29.25 7.74 -14.22
CA VAL A 301 29.36 6.33 -13.87
C VAL A 301 29.34 6.13 -12.34
N MET A 302 28.27 5.51 -11.87
CA MET A 302 28.02 5.32 -10.45
C MET A 302 28.36 3.91 -10.03
N LEU A 303 28.93 3.76 -8.83
CA LEU A 303 29.34 2.46 -8.34
C LEU A 303 28.52 2.03 -7.13
N ALA A 304 27.62 1.08 -7.35
CA ALA A 304 26.83 0.53 -6.26
C ALA A 304 27.38 -0.84 -5.88
N ILE A 305 28.60 -0.82 -5.36
CA ILE A 305 29.34 -2.03 -5.06
C ILE A 305 29.03 -2.57 -3.67
N GLY A 306 28.54 -1.68 -2.80
CA GLY A 306 28.21 -2.07 -1.43
C GLY A 306 28.65 -1.04 -0.42
N ARG A 307 28.72 -1.45 0.85
CA ARG A 307 29.09 -0.56 1.94
C ARG A 307 29.87 -1.27 3.05
N VAL A 308 31.18 -0.97 3.14
CA VAL A 308 32.01 -1.40 4.27
C VAL A 308 31.81 -0.50 5.49
N PRO A 309 31.74 -1.08 6.71
CA PRO A 309 31.64 -0.27 7.93
C PRO A 309 32.71 0.84 8.00
N ARG A 310 32.37 1.95 8.68
CA ARG A 310 33.22 3.14 8.68
C ARG A 310 34.19 3.20 9.88
N SER A 311 34.82 2.06 10.18
CA SER A 311 35.60 1.91 11.41
C SER A 311 37.11 1.93 11.24
N GLN A 312 37.57 2.11 10.00
CA GLN A 312 38.99 2.27 9.73
C GLN A 312 39.58 3.39 10.59
N ALA A 313 38.93 4.56 10.54
CA ALA A 313 39.45 5.76 11.20
C ALA A 313 39.25 5.79 12.72
N LEU A 314 38.41 4.90 13.24
CA LEU A 314 37.99 4.98 14.64
C LEU A 314 39.08 4.69 15.68
N GLN A 315 40.16 4.02 15.25
CA GLN A 315 41.21 3.58 16.17
C GLN A 315 40.64 2.65 17.26
N LEU A 316 40.04 1.54 16.84
CA LEU A 316 39.51 0.57 17.80
C LEU A 316 40.68 -0.19 18.44
N ASP A 317 41.68 -0.48 17.60
CA ASP A 317 42.97 -1.02 18.01
C ASP A 317 43.47 -0.52 19.37
N LYS A 318 43.43 0.79 19.58
CA LYS A 318 43.87 1.40 20.83
C LYS A 318 43.00 1.02 22.03
N ALA A 319 41.68 1.11 21.86
CA ALA A 319 40.77 0.84 22.97
C ALA A 319 40.43 -0.65 23.14
N GLY A 320 40.85 -1.46 22.18
CA GLY A 320 40.59 -2.89 22.19
C GLY A 320 39.15 -3.27 21.85
N VAL A 321 38.67 -2.72 20.73
CA VAL A 321 37.35 -3.09 20.19
C VAL A 321 37.53 -4.00 18.97
N ARG A 322 36.90 -5.16 19.03
CA ARG A 322 37.13 -6.24 18.06
C ARG A 322 36.77 -5.88 16.63
N THR A 323 37.76 -6.00 15.76
CA THR A 323 37.65 -5.58 14.37
C THR A 323 37.99 -6.74 13.44
N GLY A 324 36.98 -7.20 12.68
CA GLY A 324 37.12 -8.41 11.84
C GLY A 324 36.91 -8.25 10.34
N LYS A 325 35.74 -8.70 9.88
CA LYS A 325 35.38 -8.70 8.46
C LYS A 325 35.24 -7.27 7.91
N ASN A 326 36.26 -6.87 7.13
CA ASN A 326 36.46 -5.47 6.64
C ASN A 326 36.31 -4.39 7.74
N GLY A 327 36.70 -4.70 8.97
CA GLY A 327 36.61 -3.75 10.08
C GLY A 327 35.30 -3.75 10.88
N ALA A 328 34.29 -4.45 10.37
CA ALA A 328 33.00 -4.58 11.06
C ALA A 328 33.22 -4.85 12.55
N VAL A 329 32.45 -4.15 13.38
CA VAL A 329 32.63 -4.24 14.83
C VAL A 329 31.98 -5.51 15.39
N GLN A 330 32.82 -6.36 15.99
CA GLN A 330 32.34 -7.57 16.67
C GLN A 330 31.47 -7.16 17.86
N VAL A 331 30.24 -7.70 17.85
CA VAL A 331 29.23 -7.37 18.85
C VAL A 331 28.48 -8.63 19.21
N ASP A 332 27.93 -8.66 20.41
CA ASP A 332 27.05 -9.75 20.79
C ASP A 332 25.60 -9.35 20.51
N ALA A 333 24.65 -10.21 20.89
CA ALA A 333 23.23 -10.04 20.57
C ALA A 333 22.58 -8.84 21.26
N TYR A 334 23.29 -8.30 22.24
CA TYR A 334 22.86 -7.11 22.97
C TYR A 334 23.66 -5.88 22.52
N SER A 335 24.35 -6.02 21.38
CA SER A 335 25.14 -4.95 20.73
C SER A 335 26.45 -4.58 21.45
N LYS A 336 26.81 -5.37 22.46
CA LYS A 336 28.03 -5.17 23.26
C LYS A 336 29.27 -5.70 22.52
N THR A 337 30.39 -5.00 22.67
CA THR A 337 31.62 -5.39 22.00
C THR A 337 32.54 -6.13 22.95
N SER A 338 33.80 -6.26 22.52
CA SER A 338 34.87 -6.87 23.31
C SER A 338 35.02 -6.25 24.70
N VAL A 339 34.88 -4.92 24.79
CA VAL A 339 34.90 -4.21 26.06
C VAL A 339 33.47 -4.14 26.64
N ASP A 340 33.36 -4.21 27.97
CA ASP A 340 32.05 -4.27 28.66
C ASP A 340 31.18 -2.99 28.64
N ASN A 341 31.75 -1.89 28.13
CA ASN A 341 31.07 -0.58 28.14
C ASN A 341 31.08 0.15 26.80
N ILE A 342 31.68 -0.45 25.78
CA ILE A 342 31.66 0.15 24.45
C ILE A 342 30.66 -0.64 23.62
N TYR A 343 29.71 0.06 23.02
CA TYR A 343 28.69 -0.57 22.18
C TYR A 343 28.76 -0.08 20.75
N ALA A 344 28.22 -0.88 19.83
CA ALA A 344 28.11 -0.47 18.43
C ALA A 344 26.79 -0.94 17.84
N ILE A 345 26.20 -0.09 17.01
CA ILE A 345 24.92 -0.40 16.36
C ILE A 345 24.94 0.01 14.89
N GLY A 346 23.99 -0.52 14.14
CA GLY A 346 23.81 -0.17 12.74
C GLY A 346 24.81 -0.82 11.79
N ASP A 347 25.15 -0.08 10.73
CA ASP A 347 25.89 -0.62 9.60
C ASP A 347 27.32 -0.98 9.94
N VAL A 348 27.82 -0.49 11.07
CA VAL A 348 29.19 -0.75 11.43
C VAL A 348 29.35 -2.19 11.95
N THR A 349 28.29 -2.72 12.57
CA THR A 349 28.28 -4.09 13.08
C THR A 349 28.20 -5.09 11.93
N ASN A 350 27.45 -4.73 10.90
CA ASN A 350 27.28 -5.51 9.67
C ASN A 350 26.34 -6.72 9.80
N ARG A 351 25.39 -6.65 10.73
CA ARG A 351 24.36 -7.70 10.78
C ARG A 351 23.22 -7.49 9.78
N VAL A 352 22.39 -6.47 10.00
CA VAL A 352 21.30 -6.12 9.05
C VAL A 352 21.27 -4.60 8.78
N MET A 353 21.68 -4.22 7.57
CA MET A 353 21.87 -2.79 7.20
C MET A 353 20.58 -2.07 6.78
N LEU A 354 19.81 -1.65 7.76
CA LEU A 354 18.57 -0.90 7.52
C LEU A 354 18.42 0.20 8.57
N THR A 355 17.64 1.22 8.23
CA THR A 355 17.38 2.32 9.15
C THR A 355 16.60 1.87 10.39
N PRO A 356 15.46 1.17 10.20
CA PRO A 356 14.64 0.83 11.36
C PRO A 356 15.27 -0.23 12.27
N VAL A 357 16.26 -0.95 11.74
CA VAL A 357 17.05 -1.93 12.51
C VAL A 357 17.98 -1.20 13.51
N ALA A 358 18.82 -0.31 13.01
CA ALA A 358 19.71 0.46 13.87
C ALA A 358 18.90 1.25 14.89
N ILE A 359 17.72 1.72 14.48
CA ILE A 359 16.78 2.40 15.39
C ILE A 359 16.41 1.46 16.52
N ASN A 360 15.97 0.25 16.14
CA ASN A 360 15.66 -0.80 17.10
C ASN A 360 16.90 -1.18 17.92
N GLU A 361 18.04 -1.35 17.25
CA GLU A 361 19.32 -1.64 17.90
C GLU A 361 19.64 -0.62 18.98
N GLY A 362 19.54 0.65 18.63
CA GLY A 362 19.76 1.74 19.57
C GLY A 362 18.75 1.74 20.71
N ALA A 363 17.48 1.55 20.37
CA ALA A 363 16.41 1.53 21.34
C ALA A 363 16.58 0.41 22.38
N ALA A 364 16.98 -0.77 21.92
CA ALA A 364 17.21 -1.93 22.78
C ALA A 364 18.41 -1.74 23.71
N PHE A 365 19.50 -1.23 23.14
CA PHE A 365 20.69 -0.82 23.89
C PHE A 365 20.40 0.11 25.06
N VAL A 366 19.58 1.13 24.81
CA VAL A 366 19.16 2.06 25.85
C VAL A 366 18.49 1.31 27.01
N GLU A 367 17.54 0.43 26.68
CA GLU A 367 16.88 -0.43 27.67
C GLU A 367 17.86 -1.43 28.29
N THR A 368 18.73 -2.01 27.45
CA THR A 368 19.73 -2.98 27.91
C THR A 368 20.58 -2.47 29.11
N VAL A 369 21.15 -1.27 29.01
CA VAL A 369 22.00 -0.73 30.10
C VAL A 369 21.35 0.32 30.98
N PHE A 370 20.79 1.37 30.38
CA PHE A 370 20.18 2.46 31.13
C PHE A 370 18.75 2.14 31.57
N GLY A 371 18.06 1.33 30.77
CA GLY A 371 16.68 0.96 31.04
C GLY A 371 16.52 -0.15 32.05
N GLY A 372 17.64 -0.59 32.64
CA GLY A 372 17.63 -1.66 33.64
C GLY A 372 17.41 -3.01 32.99
N LYS A 373 16.19 -3.23 32.51
CA LYS A 373 15.82 -4.49 31.85
C LYS A 373 16.43 -4.65 30.45
N PRO A 374 17.35 -5.62 30.29
CA PRO A 374 17.94 -5.87 28.99
C PRO A 374 16.92 -6.40 27.98
N ARG A 375 17.27 -6.32 26.70
CA ARG A 375 16.43 -6.80 25.62
C ARG A 375 17.29 -6.85 24.36
N ALA A 376 17.07 -7.86 23.53
CA ALA A 376 17.84 -8.05 22.30
C ALA A 376 17.02 -7.82 21.04
N THR A 377 17.65 -7.21 20.03
CA THR A 377 17.01 -6.93 18.75
C THR A 377 16.79 -8.24 17.99
N ASP A 378 15.56 -8.44 17.53
CA ASP A 378 15.18 -9.66 16.83
C ASP A 378 15.40 -9.55 15.31
N HIS A 379 16.53 -10.08 14.84
CA HIS A 379 16.94 -9.95 13.43
C HIS A 379 16.21 -10.88 12.46
N THR A 380 15.59 -11.93 13.01
CA THR A 380 14.87 -12.92 12.21
C THR A 380 13.52 -12.40 11.74
N LYS A 381 13.29 -12.51 10.43
CA LYS A 381 12.03 -12.11 9.79
C LYS A 381 11.70 -10.59 9.91
N VAL A 382 12.62 -9.80 9.37
CA VAL A 382 12.45 -8.34 9.23
C VAL A 382 12.04 -8.02 7.79
N ALA A 383 10.87 -7.38 7.63
CA ALA A 383 10.40 -6.97 6.31
C ALA A 383 11.17 -5.74 5.86
N CYS A 384 11.62 -5.75 4.61
CA CYS A 384 12.28 -4.58 4.02
C CYS A 384 11.80 -4.36 2.58
N ALA A 385 12.28 -3.30 1.94
CA ALA A 385 11.83 -2.97 0.59
C ALA A 385 12.93 -2.40 -0.30
N VAL A 386 12.75 -2.51 -1.62
CA VAL A 386 13.66 -1.92 -2.61
C VAL A 386 12.90 -0.94 -3.49
N PHE A 387 13.32 0.32 -3.50
CA PHE A 387 12.57 1.39 -4.16
C PHE A 387 12.91 1.63 -5.63
N SER A 388 12.87 0.54 -6.39
CA SER A 388 13.14 0.54 -7.83
C SER A 388 11.97 1.12 -8.62
N ILE A 389 12.13 1.25 -9.93
CA ILE A 389 11.06 1.79 -10.80
C ILE A 389 9.73 1.00 -10.69
N PRO A 390 9.79 -0.34 -10.52
CA PRO A 390 8.72 -0.99 -9.78
C PRO A 390 9.26 -1.49 -8.44
N PRO A 391 8.57 -1.18 -7.33
CA PRO A 391 9.15 -1.45 -6.03
C PRO A 391 8.97 -2.88 -5.53
N ILE A 392 9.99 -3.40 -4.85
CA ILE A 392 9.98 -4.75 -4.28
C ILE A 392 9.70 -4.69 -2.78
N GLY A 393 9.01 -5.70 -2.26
CA GLY A 393 8.81 -5.82 -0.82
C GLY A 393 8.91 -7.28 -0.42
N THR A 394 9.89 -7.61 0.41
CA THR A 394 10.03 -8.97 0.92
C THR A 394 10.13 -9.03 2.44
N CYS A 395 9.79 -10.20 2.97
CA CYS A 395 9.92 -10.51 4.38
C CYS A 395 10.14 -12.00 4.53
N GLY A 396 11.19 -12.39 5.23
CA GLY A 396 11.46 -13.79 5.49
C GLY A 396 12.37 -14.44 4.47
N MET A 397 12.11 -15.71 4.18
CA MET A 397 13.05 -16.57 3.45
C MET A 397 12.83 -16.68 1.94
N THR A 398 13.94 -16.86 1.22
CA THR A 398 13.92 -17.13 -0.21
C THR A 398 13.37 -18.53 -0.47
N GLU A 399 13.16 -18.87 -1.74
CA GLU A 399 12.79 -20.24 -2.14
C GLU A 399 13.87 -21.25 -1.76
N GLU A 400 15.11 -20.86 -2.05
CA GLU A 400 16.27 -21.74 -1.93
C GLU A 400 16.63 -22.02 -0.47
N GLU A 401 16.43 -21.02 0.37
CA GLU A 401 16.90 -21.07 1.76
C GLU A 401 15.93 -21.80 2.70
N ALA A 402 14.65 -21.84 2.32
CA ALA A 402 13.67 -22.62 3.07
C ALA A 402 13.91 -24.13 2.82
N ALA A 403 14.05 -24.51 1.55
CA ALA A 403 14.36 -25.89 1.17
C ALA A 403 15.78 -26.33 1.60
N LYS A 404 16.54 -25.36 2.12
CA LYS A 404 17.88 -25.61 2.64
C LYS A 404 17.77 -26.40 3.94
N ASN A 405 17.16 -25.78 4.95
CA ASN A 405 17.10 -26.39 6.28
C ASN A 405 15.68 -26.53 6.84
N TYR A 406 14.70 -26.60 5.93
CA TYR A 406 13.31 -26.93 6.29
C TYR A 406 12.83 -28.14 5.52
N GLU A 407 12.13 -29.02 6.24
CA GLU A 407 11.88 -30.40 5.82
C GLU A 407 11.15 -30.49 4.49
N THR A 408 9.86 -30.19 4.52
CA THR A 408 9.06 -30.08 3.31
C THR A 408 8.51 -28.65 3.21
N VAL A 409 8.75 -28.01 2.06
CA VAL A 409 8.38 -26.59 1.86
C VAL A 409 7.53 -26.36 0.60
N ALA A 410 6.40 -25.69 0.80
CA ALA A 410 5.49 -25.37 -0.29
C ALA A 410 5.79 -23.99 -0.83
N VAL A 411 5.35 -23.75 -2.07
CA VAL A 411 5.49 -22.46 -2.72
C VAL A 411 4.16 -22.12 -3.37
N TYR A 412 3.61 -20.96 -3.00
CA TYR A 412 2.43 -20.39 -3.65
C TYR A 412 2.83 -19.17 -4.48
N ALA A 413 2.37 -19.12 -5.72
CA ALA A 413 2.64 -17.98 -6.58
C ALA A 413 1.35 -17.44 -7.16
N SER A 414 1.41 -16.21 -7.64
CA SER A 414 0.26 -15.52 -8.20
C SER A 414 0.80 -14.29 -8.91
N SER A 415 0.54 -14.20 -10.20
CA SER A 415 0.98 -13.05 -10.98
C SER A 415 -0.16 -12.53 -11.82
N PHE A 416 -0.62 -11.33 -11.49
CA PHE A 416 -1.77 -10.72 -12.16
C PHE A 416 -1.44 -9.32 -12.64
N THR A 417 -2.09 -8.92 -13.73
CA THR A 417 -1.93 -7.56 -14.27
C THR A 417 -3.06 -6.69 -13.67
N PRO A 418 -2.70 -5.71 -12.81
CA PRO A 418 -3.71 -4.90 -12.15
C PRO A 418 -4.68 -4.32 -13.17
N LEU A 419 -5.96 -4.23 -12.81
CA LEU A 419 -7.00 -3.92 -13.78
C LEU A 419 -6.81 -2.59 -14.54
N MET A 420 -6.10 -1.64 -13.92
CA MET A 420 -5.91 -0.31 -14.49
C MET A 420 -4.93 -0.22 -15.68
N HIS A 421 -3.96 -1.12 -15.73
CA HIS A 421 -2.92 -1.07 -16.79
C HIS A 421 -3.38 -1.61 -18.13
N ASN A 422 -4.65 -2.03 -18.18
CA ASN A 422 -5.28 -2.41 -19.43
C ASN A 422 -5.57 -1.15 -20.24
N ILE A 423 -5.66 -0.04 -19.53
CA ILE A 423 -5.95 1.27 -20.09
C ILE A 423 -4.68 2.12 -20.18
N SER A 424 -3.81 2.02 -19.16
CA SER A 424 -2.64 2.89 -19.04
C SER A 424 -1.57 2.61 -20.09
N GLY A 425 -1.67 1.44 -20.72
CA GLY A 425 -0.74 1.05 -21.77
C GLY A 425 0.57 0.55 -21.19
N SER A 426 0.54 0.22 -19.90
CA SER A 426 1.68 -0.37 -19.23
C SER A 426 1.36 -1.83 -18.92
N LYS A 427 0.98 -2.57 -19.95
CA LYS A 427 0.65 -4.00 -19.83
C LYS A 427 1.83 -4.87 -19.38
N HIS A 428 2.99 -4.25 -19.19
CA HIS A 428 4.17 -4.97 -18.74
C HIS A 428 4.35 -4.88 -17.22
N LYS A 429 3.52 -4.07 -16.57
CA LYS A 429 3.61 -3.85 -15.11
C LYS A 429 2.85 -4.89 -14.29
N GLU A 430 3.35 -6.12 -14.37
CA GLU A 430 2.82 -7.28 -13.65
C GLU A 430 3.07 -7.12 -12.15
N PHE A 431 2.03 -7.32 -11.35
CA PHE A 431 2.18 -7.36 -9.90
C PHE A 431 2.44 -8.80 -9.49
N MET A 432 3.33 -9.04 -8.52
CA MET A 432 3.70 -10.42 -8.15
C MET A 432 3.73 -10.68 -6.64
N ILE A 433 3.13 -11.81 -6.23
CA ILE A 433 3.23 -12.30 -4.86
C ILE A 433 3.74 -13.74 -4.82
N ARG A 434 4.62 -14.00 -3.86
CA ARG A 434 5.19 -15.34 -3.68
C ARG A 434 5.20 -15.65 -2.19
N ILE A 435 4.47 -16.67 -1.78
CA ILE A 435 4.48 -17.09 -0.40
C ILE A 435 5.18 -18.44 -0.24
N ILE A 436 6.04 -18.51 0.77
CA ILE A 436 6.83 -19.70 1.07
C ILE A 436 6.48 -20.25 2.46
N THR A 437 5.95 -21.48 2.48
CA THR A 437 5.49 -22.12 3.72
C THR A 437 6.28 -23.37 4.08
N ASN A 438 6.17 -23.75 5.35
CA ASN A 438 6.70 -25.00 5.90
C ASN A 438 5.62 -26.07 5.76
N GLU A 439 5.66 -26.84 4.66
CA GLU A 439 4.60 -27.82 4.35
C GLU A 439 4.15 -28.63 5.58
N SER A 440 5.12 -29.15 6.33
CA SER A 440 4.86 -29.82 7.61
C SER A 440 3.94 -28.97 8.51
N ASN A 441 4.43 -27.77 8.82
CA ASN A 441 3.76 -26.85 9.73
C ASN A 441 2.54 -26.10 9.14
N GLY A 442 2.68 -25.66 7.88
CA GLY A 442 1.76 -24.69 7.26
C GLY A 442 2.23 -23.26 7.51
N GLU A 443 3.39 -23.13 8.14
CA GLU A 443 3.95 -21.86 8.60
C GLU A 443 4.45 -21.01 7.44
N VAL A 444 4.05 -19.74 7.43
CA VAL A 444 4.54 -18.79 6.42
C VAL A 444 5.95 -18.32 6.78
N LEU A 445 6.91 -18.74 5.97
CA LEU A 445 8.34 -18.53 6.25
C LEU A 445 8.91 -17.32 5.50
N GLY A 446 8.29 -17.02 4.35
CA GLY A 446 8.71 -15.88 3.53
C GLY A 446 7.65 -15.45 2.54
N VAL A 447 7.43 -14.14 2.44
CA VAL A 447 6.56 -13.54 1.43
C VAL A 447 7.34 -12.57 0.58
N HIS A 448 7.14 -12.65 -0.74
CA HIS A 448 7.86 -11.81 -1.68
C HIS A 448 6.91 -11.12 -2.63
N MET A 449 7.13 -9.82 -2.83
CA MET A 449 6.23 -9.02 -3.65
C MET A 449 6.93 -8.03 -4.56
N LEU A 450 6.50 -7.99 -5.82
CA LEU A 450 6.96 -6.99 -6.76
C LEU A 450 5.78 -6.23 -7.37
N GLY A 451 5.87 -4.90 -7.36
CA GLY A 451 4.84 -4.04 -7.94
C GLY A 451 4.52 -2.79 -7.14
N ASP A 452 3.74 -1.88 -7.73
CA ASP A 452 3.37 -0.65 -7.07
C ASP A 452 2.55 -0.95 -5.83
N SER A 453 2.83 -0.22 -4.76
CA SER A 453 2.24 -0.42 -3.43
C SER A 453 2.74 -1.66 -2.68
N ALA A 454 3.82 -2.29 -3.16
CA ALA A 454 4.40 -3.45 -2.48
C ALA A 454 4.97 -3.13 -1.10
N PRO A 455 5.85 -2.11 -1.00
CA PRO A 455 6.51 -1.83 0.27
C PRO A 455 5.55 -1.49 1.39
N GLU A 456 4.40 -0.90 1.05
CA GLU A 456 3.40 -0.57 2.05
C GLU A 456 2.77 -1.83 2.57
N ILE A 457 2.41 -2.72 1.63
CA ILE A 457 1.80 -3.99 1.97
C ILE A 457 2.69 -4.80 2.91
N ILE A 458 3.93 -5.04 2.47
CA ILE A 458 4.87 -5.93 3.15
C ILE A 458 5.06 -5.61 4.63
N GLN A 459 4.93 -4.34 5.00
CA GLN A 459 5.17 -3.90 6.37
C GLN A 459 4.29 -4.61 7.40
N SER A 460 3.00 -4.70 7.08
CA SER A 460 2.03 -5.35 7.96
C SER A 460 2.13 -6.86 7.87
N VAL A 461 2.56 -7.33 6.69
CA VAL A 461 2.88 -8.73 6.49
C VAL A 461 3.93 -9.20 7.50
N GLY A 462 4.96 -8.38 7.72
CA GLY A 462 6.03 -8.68 8.67
C GLY A 462 5.60 -8.61 10.12
N ILE A 463 4.47 -7.94 10.36
CA ILE A 463 3.85 -7.94 11.68
C ILE A 463 3.22 -9.31 11.91
N CYS A 464 2.75 -9.93 10.82
CA CYS A 464 2.21 -11.28 10.84
C CYS A 464 3.29 -12.36 11.03
N MET A 465 4.50 -12.10 10.56
CA MET A 465 5.53 -13.12 10.59
C MET A 465 6.44 -13.13 11.83
N LYS A 466 6.55 -12.00 12.54
CA LYS A 466 7.19 -11.97 13.87
C LYS A 466 6.17 -12.40 14.91
N MET A 467 4.91 -12.40 14.49
CA MET A 467 3.81 -12.90 15.27
C MET A 467 3.67 -14.41 15.06
N GLY A 468 4.26 -14.90 13.98
CA GLY A 468 4.09 -16.29 13.53
C GLY A 468 2.76 -16.43 12.81
N ALA A 469 2.81 -16.74 11.51
CA ALA A 469 1.59 -16.83 10.73
C ALA A 469 1.56 -18.03 9.79
N LYS A 470 0.35 -18.53 9.54
CA LYS A 470 0.15 -19.67 8.67
C LYS A 470 -0.70 -19.29 7.45
N ILE A 471 -0.44 -19.93 6.31
CA ILE A 471 -1.19 -19.70 5.07
C ILE A 471 -2.70 -19.87 5.29
N SER A 472 -3.06 -20.69 6.28
CA SER A 472 -4.44 -20.83 6.74
C SER A 472 -4.95 -19.50 7.29
N ASP A 473 -4.13 -18.85 8.11
CA ASP A 473 -4.42 -17.51 8.63
C ASP A 473 -4.63 -16.51 7.50
N PHE A 474 -3.85 -16.68 6.44
CA PHE A 474 -3.88 -15.74 5.33
C PHE A 474 -5.19 -15.82 4.56
N HIS A 475 -5.40 -16.92 3.84
CA HIS A 475 -6.56 -17.03 2.97
C HIS A 475 -7.93 -16.88 3.69
N SER A 476 -8.01 -17.35 4.93
CA SER A 476 -9.28 -17.29 5.70
C SER A 476 -9.64 -15.87 6.22
N THR A 477 -8.80 -14.89 5.89
CA THR A 477 -9.14 -13.48 6.11
C THR A 477 -9.85 -12.93 4.89
N ILE A 478 -10.99 -12.28 5.12
CA ILE A 478 -11.79 -11.67 4.05
C ILE A 478 -11.06 -10.49 3.40
N GLY A 479 -11.32 -10.24 2.12
CA GLY A 479 -10.58 -9.26 1.34
C GLY A 479 -11.11 -7.84 1.27
N VAL A 480 -10.27 -6.95 0.74
CA VAL A 480 -10.63 -5.55 0.50
C VAL A 480 -10.67 -5.38 -1.02
N HIS A 481 -11.87 -5.43 -1.61
CA HIS A 481 -11.97 -5.84 -3.03
C HIS A 481 -12.11 -4.82 -4.15
N PRO A 482 -11.14 -3.91 -4.27
CA PRO A 482 -10.64 -3.63 -5.61
C PRO A 482 -9.10 -3.69 -5.65
N THR A 483 -8.47 -4.09 -4.54
CA THR A 483 -7.02 -3.87 -4.31
C THR A 483 -6.08 -5.01 -4.71
N SER A 484 -4.79 -4.76 -4.48
CA SER A 484 -3.71 -5.66 -4.84
C SER A 484 -3.35 -6.57 -3.68
N ALA A 485 -3.34 -6.00 -2.48
CA ALA A 485 -2.96 -6.73 -1.27
C ALA A 485 -3.92 -7.89 -0.97
N GLU A 486 -5.17 -7.76 -1.40
CA GLU A 486 -6.20 -8.77 -1.17
C GLU A 486 -5.93 -10.09 -1.90
N GLU A 487 -4.97 -10.10 -2.81
CA GLU A 487 -4.59 -11.32 -3.53
C GLU A 487 -3.66 -12.20 -2.68
N LEU A 488 -3.33 -11.73 -1.48
CA LEU A 488 -2.66 -12.53 -0.44
C LEU A 488 -3.60 -13.61 0.11
N CYS A 489 -4.89 -13.30 0.14
CA CYS A 489 -5.92 -14.19 0.66
C CYS A 489 -6.58 -15.02 -0.46
N SER A 490 -6.02 -14.93 -1.66
CA SER A 490 -6.51 -15.68 -2.81
C SER A 490 -5.61 -16.88 -3.14
N MET A 491 -4.74 -17.24 -2.20
CA MET A 491 -3.78 -18.32 -2.43
C MET A 491 -3.97 -19.55 -1.54
N ARG A 492 -4.72 -20.53 -2.09
CA ARG A 492 -5.03 -21.80 -1.42
C ARG A 492 -4.17 -22.95 -1.94
N THR A 493 -4.10 -23.09 -3.25
CA THR A 493 -3.36 -24.17 -3.89
C THR A 493 -1.90 -23.77 -4.11
N PRO A 494 -0.94 -24.59 -3.61
CA PRO A 494 0.47 -24.35 -3.93
C PRO A 494 0.77 -24.49 -5.43
N ALA A 495 1.77 -23.76 -5.90
CA ALA A 495 2.19 -23.82 -7.30
C ALA A 495 3.07 -25.03 -7.55
N TYR A 496 4.01 -25.28 -6.64
CA TYR A 496 4.83 -26.50 -6.62
C TYR A 496 5.64 -26.62 -5.32
N PHE A 497 6.15 -27.83 -5.03
CA PHE A 497 6.78 -28.16 -3.74
C PHE A 497 8.30 -28.30 -3.81
N TYR A 498 8.94 -28.15 -2.63
CA TYR A 498 10.36 -28.41 -2.44
C TYR A 498 10.55 -29.43 -1.31
N GLU A 499 10.70 -30.70 -1.68
CA GLU A 499 10.84 -31.83 -0.72
C GLU A 499 12.32 -32.11 -0.40
N SER A 500 12.76 -31.66 0.79
CA SER A 500 14.15 -31.84 1.27
C SER A 500 15.25 -31.33 0.30
N GLY A 501 14.88 -30.38 -0.59
CA GLY A 501 15.86 -29.72 -1.46
C GLY A 501 15.69 -29.86 -2.98
N LYS A 502 14.55 -30.38 -3.42
CA LYS A 502 14.28 -30.49 -4.88
C LYS A 502 12.85 -30.14 -5.27
N ARG A 503 12.74 -29.45 -6.40
CA ARG A 503 11.44 -29.10 -7.01
C ARG A 503 10.61 -30.35 -7.37
N VAL A 504 9.54 -30.58 -6.59
CA VAL A 504 8.74 -31.81 -6.70
C VAL A 504 7.26 -31.45 -6.54
N GLU A 505 6.36 -32.38 -6.87
CA GLU A 505 4.91 -32.10 -6.76
C GLU A 505 4.16 -32.98 -5.71
N LYS A 506 4.76 -34.09 -5.28
CA LYS A 506 4.10 -35.08 -4.39
C LYS A 506 5.04 -36.06 -3.62
N LEU A 507 4.46 -36.80 -2.67
CA LEU A 507 5.09 -38.02 -2.10
C LEU A 507 4.35 -39.29 -2.56
N SER A 508 5.09 -40.40 -2.63
CA SER A 508 4.54 -41.69 -3.05
C SER A 508 4.91 -42.80 -2.06
N MET B 21 -37.96 -37.50 -7.53
CA MET B 21 -36.96 -36.39 -7.40
C MET B 21 -35.91 -36.43 -8.53
N SER B 22 -34.62 -36.36 -8.17
CA SER B 22 -33.49 -36.30 -9.14
C SER B 22 -33.78 -35.21 -10.17
N ARG B 23 -33.59 -33.96 -9.75
CA ARG B 23 -34.09 -32.79 -10.50
C ARG B 23 -33.15 -32.38 -11.63
N ALA B 24 -33.64 -31.50 -12.51
CA ALA B 24 -32.90 -31.09 -13.70
C ALA B 24 -31.53 -30.48 -13.42
N TYR B 25 -31.48 -29.54 -12.47
CA TYR B 25 -30.22 -28.98 -11.97
C TYR B 25 -30.13 -29.18 -10.48
N ASP B 26 -28.92 -29.25 -9.95
CA ASP B 26 -28.71 -29.29 -8.50
C ASP B 26 -28.92 -27.91 -7.84
N LEU B 27 -28.55 -26.84 -8.54
CA LEU B 27 -28.62 -25.51 -7.99
C LEU B 27 -29.11 -24.54 -9.04
N VAL B 28 -30.15 -23.78 -8.70
CA VAL B 28 -30.46 -22.60 -9.50
C VAL B 28 -30.07 -21.38 -8.68
N VAL B 29 -29.15 -20.58 -9.23
CA VAL B 29 -28.72 -19.34 -8.60
C VAL B 29 -29.38 -18.16 -9.32
N LEU B 30 -30.20 -17.40 -8.59
CA LEU B 30 -30.75 -16.17 -9.14
C LEU B 30 -29.69 -15.09 -9.03
N GLY B 31 -29.05 -14.80 -10.15
CA GLY B 31 -28.07 -13.72 -10.22
C GLY B 31 -26.65 -14.21 -10.32
N ALA B 32 -25.97 -13.81 -11.40
CA ALA B 32 -24.56 -14.11 -11.61
C ALA B 32 -23.73 -13.11 -10.83
N GLY B 33 -23.95 -13.08 -9.52
CA GLY B 33 -23.33 -12.10 -8.64
C GLY B 33 -21.89 -12.44 -8.31
N SER B 34 -21.17 -11.46 -7.77
CA SER B 34 -19.82 -11.70 -7.29
C SER B 34 -19.83 -12.95 -6.45
N GLY B 35 -20.89 -13.11 -5.66
CA GLY B 35 -21.12 -14.32 -4.87
C GLY B 35 -21.91 -15.38 -5.61
N GLY B 36 -22.93 -14.96 -6.37
CA GLY B 36 -23.71 -15.87 -7.19
C GLY B 36 -22.82 -16.74 -8.06
N LEU B 37 -22.01 -16.09 -8.89
CA LEU B 37 -21.08 -16.77 -9.78
C LEU B 37 -20.08 -17.62 -9.02
N GLU B 38 -19.52 -17.06 -7.94
CA GLU B 38 -18.58 -17.80 -7.10
C GLU B 38 -19.20 -19.10 -6.63
N ALA B 39 -20.45 -19.02 -6.17
CA ALA B 39 -21.16 -20.21 -5.70
C ALA B 39 -21.35 -21.21 -6.84
N GLY B 40 -21.90 -20.72 -7.96
CA GLY B 40 -22.17 -21.55 -9.13
C GLY B 40 -20.94 -22.28 -9.62
N TRP B 41 -19.89 -21.52 -9.92
CA TRP B 41 -18.64 -22.08 -10.41
C TRP B 41 -18.15 -23.23 -9.52
N ASN B 42 -17.89 -22.92 -8.25
CA ASN B 42 -17.34 -23.89 -7.29
C ASN B 42 -18.14 -25.19 -7.23
N ALA B 43 -19.46 -25.05 -7.19
CA ALA B 43 -20.37 -26.19 -7.17
C ALA B 43 -20.18 -27.07 -8.40
N ALA B 44 -20.00 -26.43 -9.55
CA ALA B 44 -19.92 -27.13 -10.81
C ALA B 44 -18.53 -27.70 -11.08
N VAL B 45 -17.52 -27.04 -10.52
CA VAL B 45 -16.13 -27.43 -10.79
C VAL B 45 -15.57 -28.34 -9.70
N THR B 46 -15.62 -27.88 -8.45
CA THR B 46 -15.10 -28.67 -7.33
C THR B 46 -16.07 -29.79 -6.90
N HIS B 47 -17.30 -29.74 -7.40
CA HIS B 47 -18.32 -30.72 -7.02
C HIS B 47 -19.13 -31.31 -8.17
N LYS B 48 -19.00 -30.71 -9.37
CA LYS B 48 -19.60 -31.24 -10.60
C LYS B 48 -21.13 -31.18 -10.67
N LYS B 49 -21.76 -30.89 -9.53
CA LYS B 49 -23.21 -30.67 -9.49
C LYS B 49 -23.63 -29.69 -10.58
N LYS B 50 -24.67 -30.05 -11.32
CA LYS B 50 -25.16 -29.20 -12.41
C LYS B 50 -25.70 -27.90 -11.86
N VAL B 51 -25.25 -26.79 -12.45
CA VAL B 51 -25.67 -25.46 -12.01
C VAL B 51 -26.24 -24.67 -13.17
N ALA B 52 -27.34 -23.98 -12.91
CA ALA B 52 -27.93 -23.05 -13.86
C ALA B 52 -27.78 -21.69 -13.23
N VAL B 53 -27.21 -20.75 -13.98
CA VAL B 53 -27.03 -19.41 -13.46
C VAL B 53 -27.94 -18.46 -14.23
N VAL B 54 -28.88 -17.85 -13.52
CA VAL B 54 -29.79 -16.91 -14.15
C VAL B 54 -29.23 -15.50 -14.00
N ASP B 55 -29.47 -14.65 -14.99
CA ASP B 55 -29.19 -13.21 -14.89
C ASP B 55 -29.90 -12.42 -15.99
N VAL B 56 -29.81 -11.10 -15.90
CA VAL B 56 -30.61 -10.20 -16.71
C VAL B 56 -30.10 -10.10 -18.14
N GLN B 57 -28.80 -9.91 -18.31
CA GLN B 57 -28.24 -9.65 -19.64
C GLN B 57 -26.79 -10.14 -19.88
N ALA B 58 -26.38 -10.08 -21.15
CA ALA B 58 -25.09 -10.61 -21.62
C ALA B 58 -23.89 -9.86 -21.06
N THR B 59 -23.71 -8.63 -21.54
CA THR B 59 -22.65 -7.73 -21.07
C THR B 59 -23.24 -6.54 -20.28
N HIS B 60 -22.37 -5.80 -19.58
CA HIS B 60 -22.77 -4.58 -18.87
C HIS B 60 -23.54 -3.66 -19.83
N GLY B 61 -24.58 -3.00 -19.34
CA GLY B 61 -25.43 -2.23 -20.24
C GLY B 61 -26.35 -1.21 -19.63
N PRO B 62 -26.55 -0.07 -20.33
CA PRO B 62 -27.47 0.99 -19.91
C PRO B 62 -28.98 0.64 -19.84
N PRO B 63 -29.52 -0.23 -20.73
CA PRO B 63 -30.95 -0.55 -20.54
C PRO B 63 -31.28 -1.17 -19.18
N LEU B 64 -30.55 -2.22 -18.81
CA LEU B 64 -30.68 -2.89 -17.50
C LEU B 64 -29.27 -3.12 -16.98
N PHE B 65 -28.87 -2.35 -15.97
CA PHE B 65 -27.44 -2.12 -15.69
C PHE B 65 -26.61 -3.33 -15.28
N ALA B 66 -27.01 -3.99 -14.20
CA ALA B 66 -26.28 -5.13 -13.66
C ALA B 66 -26.47 -6.37 -14.51
N ALA B 67 -25.38 -6.96 -14.95
CA ALA B 67 -25.39 -8.12 -15.84
C ALA B 67 -24.62 -9.30 -15.25
N LEU B 68 -24.36 -10.30 -16.09
CA LEU B 68 -23.47 -11.41 -15.77
C LEU B 68 -22.15 -10.87 -15.22
N GLY B 69 -21.86 -11.20 -13.96
CA GLY B 69 -20.67 -10.67 -13.28
C GLY B 69 -20.97 -10.09 -11.91
N GLY B 70 -21.92 -9.17 -11.86
CA GLY B 70 -22.38 -8.60 -10.60
C GLY B 70 -22.50 -7.08 -10.61
N THR B 71 -23.27 -6.54 -9.67
CA THR B 71 -23.43 -5.09 -9.51
C THR B 71 -22.06 -4.49 -9.20
N CYS B 72 -21.10 -5.37 -8.93
CA CYS B 72 -19.72 -4.97 -8.66
C CYS B 72 -18.85 -5.04 -9.91
N VAL B 73 -18.96 -6.14 -10.64
CA VAL B 73 -18.13 -6.34 -11.83
C VAL B 73 -18.52 -5.37 -12.93
N ASN B 74 -19.82 -5.17 -13.10
CA ASN B 74 -20.35 -4.37 -14.19
C ASN B 74 -20.52 -2.88 -13.87
N VAL B 75 -21.23 -2.57 -12.78
CA VAL B 75 -21.50 -1.17 -12.41
C VAL B 75 -21.08 -0.85 -10.97
N GLY B 76 -19.91 -1.35 -10.60
CA GLY B 76 -19.40 -1.19 -9.24
C GLY B 76 -17.89 -1.11 -9.21
N CYS B 77 -17.28 -1.98 -8.41
CA CYS B 77 -15.84 -1.86 -8.11
C CYS B 77 -14.94 -1.66 -9.33
N VAL B 78 -15.22 -2.37 -10.42
CA VAL B 78 -14.37 -2.29 -11.62
C VAL B 78 -14.37 -0.89 -12.26
N PRO B 79 -15.50 -0.45 -12.85
CA PRO B 79 -15.53 0.88 -13.46
C PRO B 79 -15.25 2.01 -12.47
N LYS B 80 -15.62 1.79 -11.20
CA LYS B 80 -15.39 2.76 -10.15
C LYS B 80 -13.90 2.99 -10.02
N LYS B 81 -13.17 1.94 -9.65
CA LYS B 81 -11.71 2.02 -9.47
C LYS B 81 -11.03 2.60 -10.71
N LEU B 82 -11.46 2.19 -11.88
CA LEU B 82 -10.92 2.76 -13.11
C LEU B 82 -11.06 4.27 -13.10
N MET B 83 -12.29 4.74 -12.90
CA MET B 83 -12.57 6.16 -12.95
C MET B 83 -11.86 6.95 -11.85
N VAL B 84 -11.83 6.42 -10.64
CA VAL B 84 -11.11 7.05 -9.53
C VAL B 84 -9.62 7.19 -9.86
N THR B 85 -9.06 6.18 -10.55
CA THR B 85 -7.65 6.20 -10.94
C THR B 85 -7.41 7.30 -11.95
N GLY B 86 -8.36 7.46 -12.87
CA GLY B 86 -8.32 8.54 -13.84
C GLY B 86 -8.35 9.89 -13.15
N ALA B 87 -9.28 10.04 -12.22
CA ALA B 87 -9.49 11.30 -11.51
C ALA B 87 -8.30 11.67 -10.63
N GLN B 88 -7.58 10.65 -10.19
CA GLN B 88 -6.42 10.83 -9.33
C GLN B 88 -5.31 11.60 -10.02
N TYR B 89 -5.23 11.42 -11.34
CA TYR B 89 -4.17 12.02 -12.13
C TYR B 89 -4.15 13.54 -12.02
N MET B 90 -5.33 14.14 -11.95
CA MET B 90 -5.47 15.59 -11.85
C MET B 90 -4.54 16.16 -10.80
N ASP B 91 -4.64 15.62 -9.59
CA ASP B 91 -3.76 16.00 -8.49
C ASP B 91 -2.32 15.69 -8.88
N LEU B 92 -2.09 14.43 -9.28
CA LEU B 92 -0.74 13.95 -9.62
C LEU B 92 -0.03 14.80 -10.67
N ILE B 93 -0.79 15.34 -11.63
CA ILE B 93 -0.22 16.12 -12.71
C ILE B 93 0.21 17.50 -12.23
N ARG B 94 -0.62 18.11 -11.40
CA ARG B 94 -0.28 19.38 -10.79
C ARG B 94 0.92 19.18 -9.88
N GLU B 95 0.92 18.08 -9.14
CA GLU B 95 1.94 17.75 -8.13
C GLU B 95 3.35 17.64 -8.69
N SER B 96 3.49 17.03 -9.85
CA SER B 96 4.80 16.78 -10.48
C SER B 96 5.54 18.06 -10.89
N GLY B 97 4.79 19.15 -11.00
CA GLY B 97 5.34 20.46 -11.32
C GLY B 97 6.44 20.85 -10.35
N GLY B 98 6.17 20.62 -9.06
CA GLY B 98 7.15 20.82 -8.01
C GLY B 98 8.34 19.88 -8.12
N PHE B 99 8.18 18.79 -8.87
CA PHE B 99 9.26 17.84 -9.13
C PHE B 99 10.02 18.12 -10.43
N GLY B 100 9.84 19.33 -10.97
CA GLY B 100 10.58 19.77 -12.14
C GLY B 100 10.00 19.24 -13.44
N TRP B 101 8.79 18.72 -13.34
CA TRP B 101 8.07 18.25 -14.51
C TRP B 101 7.29 19.40 -15.14
N GLU B 102 8.04 20.26 -15.83
CA GLU B 102 7.45 21.43 -16.48
C GLU B 102 6.70 21.02 -17.73
N MET B 103 5.46 21.48 -17.85
CA MET B 103 4.64 21.27 -19.05
C MET B 103 3.49 22.27 -19.05
N ASP B 104 2.83 22.44 -20.19
CA ASP B 104 1.72 23.38 -20.27
C ASP B 104 0.47 22.91 -19.51
N ARG B 105 0.42 23.30 -18.24
CA ARG B 105 -0.73 23.05 -17.34
C ARG B 105 -1.80 24.15 -17.50
N GLU B 106 -1.72 24.87 -18.60
CA GLU B 106 -2.66 25.95 -18.88
C GLU B 106 -4.06 25.41 -19.13
N SER B 107 -4.94 25.62 -18.14
CA SER B 107 -6.37 25.27 -18.21
C SER B 107 -6.62 23.86 -18.76
N LEU B 108 -5.81 22.89 -18.33
CA LEU B 108 -5.87 21.54 -18.90
C LEU B 108 -6.85 20.62 -18.17
N CYS B 109 -7.92 20.28 -18.87
CA CYS B 109 -8.98 19.42 -18.36
C CYS B 109 -8.96 18.06 -19.06
N PRO B 110 -9.61 17.05 -18.46
CA PRO B 110 -9.61 15.72 -19.06
C PRO B 110 -10.75 15.50 -20.06
N ASN B 111 -10.57 14.55 -20.97
CA ASN B 111 -11.65 14.16 -21.87
C ASN B 111 -12.43 12.99 -21.27
N TRP B 112 -13.70 13.24 -20.98
CA TRP B 112 -14.58 12.24 -20.38
C TRP B 112 -14.79 11.06 -21.31
N LYS B 113 -15.08 11.36 -22.58
CA LYS B 113 -15.41 10.34 -23.58
C LYS B 113 -14.31 9.28 -23.71
N THR B 114 -13.06 9.71 -23.86
CA THR B 114 -11.95 8.75 -24.00
C THR B 114 -11.83 7.83 -22.80
N LEU B 115 -12.30 8.28 -21.64
CA LEU B 115 -12.25 7.49 -20.40
C LEU B 115 -13.29 6.38 -20.40
N ILE B 116 -14.55 6.77 -20.59
CA ILE B 116 -15.63 5.81 -20.71
C ILE B 116 -15.36 4.88 -21.88
N ALA B 117 -14.91 5.46 -23.00
CA ALA B 117 -14.55 4.68 -24.19
C ALA B 117 -13.63 3.52 -23.83
N ALA B 118 -12.55 3.85 -23.11
CA ALA B 118 -11.58 2.86 -22.68
C ALA B 118 -12.07 2.05 -21.47
N LYS B 119 -13.01 2.60 -20.71
CA LYS B 119 -13.66 1.88 -19.61
C LYS B 119 -14.56 0.77 -20.13
N ASN B 120 -15.48 1.15 -21.03
CA ASN B 120 -16.41 0.22 -21.65
C ASN B 120 -15.66 -0.98 -22.24
N LYS B 121 -14.64 -0.70 -23.06
CA LYS B 121 -13.83 -1.73 -23.73
C LYS B 121 -13.16 -2.70 -22.76
N VAL B 122 -12.88 -2.26 -21.54
CA VAL B 122 -12.29 -3.14 -20.53
C VAL B 122 -13.35 -3.96 -19.81
N VAL B 123 -14.48 -3.33 -19.49
CA VAL B 123 -15.58 -4.07 -18.87
C VAL B 123 -16.14 -5.05 -19.89
N ASN B 124 -16.56 -4.52 -21.05
CA ASN B 124 -17.03 -5.34 -22.15
C ASN B 124 -16.16 -6.59 -22.29
N SER B 125 -14.85 -6.37 -22.28
CA SER B 125 -13.88 -7.46 -22.36
C SER B 125 -14.04 -8.49 -21.25
N ILE B 126 -14.38 -8.03 -20.04
CA ILE B 126 -14.58 -8.95 -18.92
C ILE B 126 -15.79 -9.84 -19.14
N ASN B 127 -16.87 -9.25 -19.65
CA ASN B 127 -18.07 -10.02 -19.96
C ASN B 127 -17.82 -11.04 -21.06
N GLU B 128 -16.76 -10.81 -21.84
CA GLU B 128 -16.41 -11.70 -22.94
C GLU B 128 -15.71 -12.95 -22.46
N SER B 129 -14.98 -12.83 -21.35
CA SER B 129 -14.30 -13.97 -20.72
C SER B 129 -15.30 -14.80 -19.95
N TYR B 130 -16.34 -14.13 -19.46
CA TYR B 130 -17.43 -14.77 -18.73
C TYR B 130 -18.26 -15.69 -19.64
N LYS B 131 -18.70 -15.16 -20.78
CA LYS B 131 -19.40 -15.97 -21.79
C LYS B 131 -18.57 -17.20 -22.10
N SER B 132 -17.28 -16.98 -22.29
CA SER B 132 -16.36 -18.03 -22.68
C SER B 132 -15.97 -18.94 -21.53
N MET B 133 -16.35 -18.55 -20.32
CA MET B 133 -16.24 -19.46 -19.18
C MET B 133 -17.34 -20.52 -19.24
N PHE B 134 -18.56 -20.08 -19.53
CA PHE B 134 -19.70 -21.00 -19.61
C PHE B 134 -19.57 -22.02 -20.72
N ALA B 135 -19.08 -21.56 -21.86
CA ALA B 135 -18.78 -22.44 -22.98
C ALA B 135 -17.83 -23.56 -22.55
N ASP B 136 -16.77 -23.19 -21.82
CA ASP B 136 -15.74 -24.14 -21.39
C ASP B 136 -16.19 -25.04 -20.24
N THR B 137 -16.95 -24.49 -19.30
CA THR B 137 -17.29 -25.23 -18.07
C THR B 137 -18.56 -26.06 -18.22
N GLU B 138 -18.49 -27.29 -17.70
CA GLU B 138 -19.64 -28.20 -17.71
C GLU B 138 -20.25 -28.37 -16.34
N GLY B 139 -21.57 -28.46 -16.31
CA GLY B 139 -22.34 -28.35 -15.08
C GLY B 139 -22.93 -26.96 -15.06
N LEU B 140 -22.12 -25.96 -15.42
CA LEU B 140 -22.57 -24.57 -15.49
C LEU B 140 -23.39 -24.29 -16.73
N SER B 141 -24.33 -23.36 -16.58
CA SER B 141 -25.19 -22.90 -17.65
C SER B 141 -25.78 -21.52 -17.29
N PHE B 142 -25.68 -20.58 -18.24
CA PHE B 142 -26.19 -19.23 -18.05
C PHE B 142 -27.58 -19.13 -18.66
N HIS B 143 -28.52 -18.58 -17.87
CA HIS B 143 -29.91 -18.42 -18.32
C HIS B 143 -30.32 -16.94 -18.24
N MET B 144 -30.61 -16.34 -19.39
CA MET B 144 -30.86 -14.90 -19.46
C MET B 144 -32.34 -14.57 -19.36
N GLY B 145 -32.68 -13.78 -18.35
CA GLY B 145 -34.04 -13.32 -18.12
C GLY B 145 -34.20 -12.74 -16.73
N PHE B 146 -35.44 -12.69 -16.24
CA PHE B 146 -35.73 -12.27 -14.86
C PHE B 146 -36.29 -13.43 -14.07
N GLY B 147 -35.47 -13.97 -13.17
CA GLY B 147 -35.81 -15.14 -12.36
C GLY B 147 -36.79 -14.83 -11.24
N ALA B 148 -37.69 -15.77 -10.98
CA ALA B 148 -38.70 -15.66 -9.90
C ALA B 148 -38.96 -17.03 -9.29
N LEU B 149 -39.54 -17.05 -8.09
CA LEU B 149 -39.86 -18.33 -7.46
C LEU B 149 -41.29 -18.77 -7.77
N GLN B 150 -41.43 -20.06 -8.07
CA GLN B 150 -42.72 -20.71 -8.28
C GLN B 150 -43.08 -21.45 -7.01
N ASP B 151 -42.11 -22.21 -6.51
CA ASP B 151 -42.19 -22.89 -5.24
C ASP B 151 -40.79 -23.30 -4.78
N ALA B 152 -40.72 -24.33 -3.97
CA ALA B 152 -39.48 -24.77 -3.33
C ALA B 152 -38.39 -25.27 -4.29
N HIS B 153 -38.78 -25.81 -5.43
CA HIS B 153 -37.82 -26.45 -6.33
C HIS B 153 -37.92 -25.99 -7.78
N THR B 154 -38.79 -25.02 -8.05
CA THR B 154 -39.01 -24.54 -9.41
C THR B 154 -38.72 -23.06 -9.57
N VAL B 155 -37.73 -22.74 -10.44
CA VAL B 155 -37.41 -21.35 -10.77
C VAL B 155 -37.89 -21.06 -12.18
N VAL B 156 -38.74 -20.04 -12.30
CA VAL B 156 -39.30 -19.62 -13.57
C VAL B 156 -38.41 -18.51 -14.12
N VAL B 157 -38.28 -18.48 -15.44
CA VAL B 157 -37.54 -17.41 -16.11
C VAL B 157 -38.47 -16.62 -17.03
N ARG B 158 -38.59 -15.31 -16.82
CA ARG B 158 -39.45 -14.44 -17.62
C ARG B 158 -38.62 -13.38 -18.33
N LYS B 159 -39.10 -12.87 -19.46
CA LYS B 159 -38.36 -11.84 -20.20
C LYS B 159 -38.49 -10.40 -19.64
N SER B 160 -39.51 -10.16 -18.82
CA SER B 160 -39.68 -8.90 -18.10
C SER B 160 -39.72 -9.14 -16.59
N GLU B 161 -39.34 -8.12 -15.82
CA GLU B 161 -39.50 -8.16 -14.36
C GLU B 161 -40.97 -8.33 -14.04
N ASP B 162 -41.79 -7.67 -14.86
CA ASP B 162 -43.24 -7.81 -14.85
C ASP B 162 -43.64 -9.29 -14.87
N PRO B 163 -44.30 -9.77 -13.78
CA PRO B 163 -44.67 -11.19 -13.63
C PRO B 163 -45.86 -11.63 -14.51
N HIS B 164 -46.26 -10.78 -15.45
CA HIS B 164 -47.26 -11.13 -16.45
C HIS B 164 -46.67 -11.23 -17.87
N SER B 165 -45.34 -11.32 -17.97
CA SER B 165 -44.66 -11.42 -19.25
C SER B 165 -44.60 -12.87 -19.73
N ASP B 166 -43.88 -13.08 -20.82
CA ASP B 166 -43.70 -14.40 -21.38
C ASP B 166 -42.85 -15.28 -20.47
N VAL B 167 -43.30 -16.52 -20.31
CA VAL B 167 -42.56 -17.55 -19.58
C VAL B 167 -41.48 -18.08 -20.51
N LEU B 168 -40.21 -17.93 -20.14
CA LEU B 168 -39.10 -18.24 -21.05
C LEU B 168 -38.44 -19.60 -20.79
N GLU B 169 -38.22 -19.93 -19.53
CA GLU B 169 -37.70 -21.23 -19.11
C GLU B 169 -38.38 -21.61 -17.80
N THR B 170 -38.38 -22.89 -17.44
CA THR B 170 -38.84 -23.31 -16.13
C THR B 170 -37.90 -24.36 -15.58
N LEU B 171 -37.09 -23.95 -14.60
CA LEU B 171 -35.94 -24.74 -14.12
C LEU B 171 -36.21 -25.51 -12.84
N ASP B 172 -36.00 -26.82 -12.91
CA ASP B 172 -36.28 -27.75 -11.82
C ASP B 172 -34.99 -28.07 -11.07
N THR B 173 -34.87 -27.58 -9.84
CA THR B 173 -33.63 -27.67 -9.08
C THR B 173 -33.75 -28.21 -7.65
N GLU B 174 -32.63 -28.73 -7.13
CA GLU B 174 -32.50 -29.21 -5.76
C GLU B 174 -32.44 -28.06 -4.77
N TYR B 175 -31.51 -27.13 -5.04
CA TYR B 175 -31.30 -25.96 -4.18
C TYR B 175 -31.45 -24.67 -4.96
N ILE B 176 -31.96 -23.64 -4.28
CA ILE B 176 -32.07 -22.29 -4.82
C ILE B 176 -31.18 -21.31 -4.05
N LEU B 177 -30.26 -20.64 -4.74
CA LEU B 177 -29.49 -19.55 -4.15
C LEU B 177 -29.93 -18.21 -4.73
N ILE B 178 -30.22 -17.25 -3.85
CA ILE B 178 -30.60 -15.91 -4.26
C ILE B 178 -29.43 -14.97 -4.05
N ALA B 179 -28.92 -14.43 -5.15
CA ALA B 179 -27.79 -13.51 -5.08
C ALA B 179 -28.08 -12.34 -6.00
N THR B 180 -29.31 -11.82 -5.90
CA THR B 180 -29.75 -10.74 -6.77
C THR B 180 -29.27 -9.35 -6.31
N GLY B 181 -28.68 -9.32 -5.12
CA GLY B 181 -28.00 -8.12 -4.62
C GLY B 181 -28.88 -6.93 -4.30
N SER B 182 -28.40 -5.75 -4.70
CA SER B 182 -28.95 -4.47 -4.25
C SER B 182 -29.25 -3.51 -5.40
N TRP B 183 -29.98 -2.43 -5.09
CA TRP B 183 -30.47 -1.48 -6.08
C TRP B 183 -30.56 -0.05 -5.51
N PRO B 184 -30.29 0.99 -6.35
CA PRO B 184 -30.39 2.37 -5.90
C PRO B 184 -31.71 2.72 -5.23
N THR B 185 -31.64 3.21 -3.99
CA THR B 185 -32.80 3.78 -3.29
C THR B 185 -33.00 5.22 -3.72
N ARG B 186 -34.19 5.50 -4.27
CA ARG B 186 -34.57 6.87 -4.58
C ARG B 186 -35.06 7.53 -3.31
N LEU B 187 -35.32 8.83 -3.37
CA LEU B 187 -35.98 9.53 -2.26
C LEU B 187 -37.33 10.07 -2.71
N GLY B 188 -38.34 9.96 -1.82
CA GLY B 188 -39.72 10.38 -2.10
C GLY B 188 -39.84 11.88 -2.27
N VAL B 189 -39.43 12.35 -3.44
CA VAL B 189 -39.34 13.78 -3.72
C VAL B 189 -39.80 14.05 -5.15
N PRO B 190 -40.64 15.08 -5.31
CA PRO B 190 -40.97 15.60 -6.64
C PRO B 190 -39.72 16.02 -7.44
N GLY B 191 -39.60 15.45 -8.63
CA GLY B 191 -38.43 15.67 -9.48
C GLY B 191 -37.40 14.56 -9.34
N ASP B 192 -37.66 13.61 -8.43
CA ASP B 192 -36.76 12.49 -8.17
C ASP B 192 -36.20 11.84 -9.45
N GLU B 193 -37.08 11.60 -10.42
CA GLU B 193 -36.73 10.91 -11.66
C GLU B 193 -35.88 11.76 -12.63
N PHE B 194 -35.53 12.98 -12.24
CA PHE B 194 -34.56 13.78 -12.98
C PHE B 194 -33.14 13.49 -12.50
N CYS B 195 -33.05 12.81 -11.35
CA CYS B 195 -31.78 12.45 -10.74
C CYS B 195 -31.22 11.14 -11.26
N ILE B 196 -29.90 11.12 -11.46
CA ILE B 196 -29.19 9.91 -11.86
C ILE B 196 -28.59 9.22 -10.65
N THR B 197 -28.35 7.91 -10.76
CA THR B 197 -27.82 7.11 -9.64
C THR B 197 -26.39 6.66 -9.92
N SER B 198 -25.87 5.75 -9.08
CA SER B 198 -24.57 5.15 -9.33
C SER B 198 -24.58 4.39 -10.67
N ASN B 199 -25.67 3.68 -10.95
CA ASN B 199 -25.85 2.97 -12.21
C ASN B 199 -25.67 3.87 -13.45
N GLU B 200 -26.54 4.88 -13.59
CA GLU B 200 -26.58 5.77 -14.76
C GLU B 200 -25.31 6.64 -14.90
N ALA B 201 -24.69 6.92 -13.76
CA ALA B 201 -23.54 7.80 -13.68
C ALA B 201 -22.47 7.33 -14.63
N PHE B 202 -22.30 6.02 -14.69
CA PHE B 202 -21.24 5.40 -15.45
C PHE B 202 -21.30 5.62 -16.95
N TYR B 203 -22.50 5.82 -17.48
CA TYR B 203 -22.67 5.88 -18.94
C TYR B 203 -23.09 7.26 -19.46
N LEU B 204 -22.85 8.29 -18.66
CA LEU B 204 -23.10 9.68 -19.05
C LEU B 204 -22.35 10.04 -20.34
N GLU B 205 -23.10 10.53 -21.33
CA GLU B 205 -22.54 10.96 -22.61
C GLU B 205 -21.41 11.93 -22.35
N ASP B 206 -21.66 12.86 -21.41
CA ASP B 206 -20.72 13.95 -21.14
C ASP B 206 -20.48 14.27 -19.66
N ALA B 207 -19.29 14.83 -19.42
CA ALA B 207 -18.86 15.28 -18.10
C ALA B 207 -19.71 16.45 -17.62
N PRO B 208 -20.17 16.40 -16.36
CA PRO B 208 -20.98 17.51 -15.84
C PRO B 208 -20.15 18.70 -15.34
N LYS B 209 -20.54 19.91 -15.75
CA LYS B 209 -19.96 21.14 -15.23
C LYS B 209 -20.48 21.38 -13.82
N ARG B 210 -21.76 21.69 -13.71
CA ARG B 210 -22.37 21.93 -12.41
C ARG B 210 -22.87 20.60 -11.85
N MET B 211 -22.15 20.07 -10.86
CA MET B 211 -22.41 18.73 -10.36
C MET B 211 -22.85 18.69 -8.90
N LEU B 212 -23.96 18.00 -8.64
CA LEU B 212 -24.44 17.81 -7.27
C LEU B 212 -24.62 16.32 -6.95
N CYS B 213 -23.74 15.77 -6.11
CA CYS B 213 -23.92 14.41 -5.58
C CYS B 213 -24.78 14.53 -4.35
N VAL B 214 -25.67 13.58 -4.14
CA VAL B 214 -26.54 13.65 -2.96
C VAL B 214 -26.43 12.41 -2.08
N GLY B 215 -25.92 12.60 -0.87
CA GLY B 215 -25.73 11.51 0.09
C GLY B 215 -24.44 11.60 0.87
N GLY B 216 -24.21 10.64 1.77
CA GLY B 216 -23.04 10.65 2.63
C GLY B 216 -22.39 9.29 2.80
N GLY B 217 -22.78 8.34 1.95
CA GLY B 217 -22.21 6.99 1.99
C GLY B 217 -21.07 6.79 1.01
N TYR B 218 -20.54 5.58 0.95
CA TYR B 218 -19.42 5.25 0.06
C TYR B 218 -19.57 5.88 -1.30
N ILE B 219 -20.68 5.55 -1.98
CA ILE B 219 -20.88 5.97 -3.38
C ILE B 219 -20.85 7.49 -3.55
N ALA B 220 -21.44 8.19 -2.58
CA ALA B 220 -21.47 9.65 -2.62
C ALA B 220 -20.05 10.21 -2.66
N VAL B 221 -19.26 9.84 -1.66
CA VAL B 221 -17.92 10.38 -1.47
C VAL B 221 -16.98 9.94 -2.57
N GLU B 222 -17.13 8.70 -2.99
CA GLU B 222 -16.26 8.15 -4.01
C GLU B 222 -16.51 8.83 -5.34
N PHE B 223 -17.79 9.00 -5.69
CA PHE B 223 -18.18 9.63 -6.94
C PHE B 223 -17.96 11.13 -6.92
N ALA B 224 -18.15 11.73 -5.76
CA ALA B 224 -17.78 13.12 -5.55
C ALA B 224 -16.39 13.32 -6.12
N GLY B 225 -15.45 12.49 -5.67
CA GLY B 225 -14.08 12.52 -6.16
C GLY B 225 -13.96 12.44 -7.68
N ILE B 226 -14.66 11.49 -8.30
CA ILE B 226 -14.51 11.24 -9.74
C ILE B 226 -14.89 12.45 -10.56
N PHE B 227 -16.15 12.87 -10.44
CA PHE B 227 -16.65 14.00 -11.20
C PHE B 227 -15.79 15.24 -10.99
N ASN B 228 -15.31 15.42 -9.76
CA ASN B 228 -14.38 16.49 -9.43
C ASN B 228 -13.13 16.43 -10.30
N GLY B 229 -12.60 15.24 -10.52
CA GLY B 229 -11.44 15.07 -11.37
C GLY B 229 -11.83 15.35 -12.81
N TYR B 230 -12.93 14.73 -13.21
CA TYR B 230 -13.43 14.87 -14.56
C TYR B 230 -14.49 15.96 -14.66
N LYS B 231 -14.17 17.15 -14.16
CA LYS B 231 -15.01 18.30 -14.42
C LYS B 231 -14.41 19.07 -15.59
N PRO B 232 -15.27 19.54 -16.50
CA PRO B 232 -14.79 20.35 -17.61
C PRO B 232 -14.38 21.71 -17.08
N CYS B 233 -13.39 22.33 -17.69
CA CYS B 233 -12.77 23.54 -17.14
C CYS B 233 -13.78 24.53 -16.59
N GLY B 234 -13.64 24.83 -15.31
CA GLY B 234 -14.51 25.80 -14.64
C GLY B 234 -15.64 25.20 -13.81
N GLY B 235 -15.87 23.90 -13.99
CA GLY B 235 -16.91 23.20 -13.26
C GLY B 235 -16.65 23.05 -11.78
N TYR B 236 -17.68 22.58 -11.06
CA TYR B 236 -17.62 22.39 -9.62
C TYR B 236 -18.47 21.21 -9.18
N VAL B 237 -18.19 20.70 -7.97
CA VAL B 237 -18.93 19.58 -7.40
C VAL B 237 -19.33 19.86 -5.94
N ASP B 238 -20.63 20.04 -5.71
CA ASP B 238 -21.16 20.24 -4.35
C ASP B 238 -21.61 18.91 -3.80
N LEU B 239 -21.38 18.70 -2.51
CA LEU B 239 -21.82 17.49 -1.86
C LEU B 239 -22.76 17.86 -0.73
N CYS B 240 -23.99 17.36 -0.78
CA CYS B 240 -24.97 17.64 0.26
C CYS B 240 -25.30 16.38 1.06
N TYR B 241 -25.61 16.57 2.34
CA TYR B 241 -25.88 15.44 3.20
C TYR B 241 -26.87 15.80 4.30
N ARG B 242 -27.86 14.93 4.50
CA ARG B 242 -28.92 15.12 5.51
C ARG B 242 -28.40 15.58 6.89
N GLY B 243 -27.35 14.93 7.39
CA GLY B 243 -26.81 15.18 8.75
C GLY B 243 -25.59 16.07 8.81
N ASP B 244 -24.95 16.15 9.98
CA ASP B 244 -23.86 17.12 10.22
C ASP B 244 -22.42 16.61 9.99
N LEU B 245 -22.27 15.31 9.77
CA LEU B 245 -20.96 14.74 9.48
C LEU B 245 -21.06 13.60 8.48
N ILE B 246 -20.23 13.64 7.45
CA ILE B 246 -20.28 12.63 6.38
C ILE B 246 -19.74 11.28 6.79
N LEU B 247 -20.26 10.25 6.14
CA LEU B 247 -19.85 8.87 6.36
C LEU B 247 -20.09 8.43 7.79
N ARG B 248 -21.36 8.32 8.15
CA ARG B 248 -21.75 7.75 9.43
C ARG B 248 -21.15 6.34 9.56
N GLY B 249 -20.52 6.06 10.70
CA GLY B 249 -19.97 4.73 10.97
C GLY B 249 -18.49 4.56 10.70
N PHE B 250 -17.75 5.67 10.73
CA PHE B 250 -16.29 5.65 10.58
C PHE B 250 -15.63 6.39 11.72
N ASP B 251 -14.33 6.15 11.91
CA ASP B 251 -13.60 6.87 12.95
C ASP B 251 -13.88 8.35 12.81
N THR B 252 -14.60 8.87 13.79
CA THR B 252 -15.13 10.24 13.78
C THR B 252 -14.06 11.32 13.59
N GLU B 253 -12.79 10.89 13.61
CA GLU B 253 -11.67 11.78 13.34
C GLU B 253 -11.25 11.67 11.88
N VAL B 254 -11.35 10.45 11.36
CA VAL B 254 -11.13 10.19 9.94
C VAL B 254 -12.17 10.94 9.12
N ARG B 255 -13.43 10.84 9.54
CA ARG B 255 -14.52 11.52 8.86
C ARG B 255 -14.27 13.01 8.70
N LYS B 256 -13.86 13.67 9.80
CA LYS B 256 -13.60 15.10 9.78
C LYS B 256 -12.46 15.47 8.84
N SER B 257 -11.34 14.77 8.95
CA SER B 257 -10.14 15.08 8.16
C SER B 257 -10.34 14.89 6.66
N LEU B 258 -11.28 14.03 6.31
CA LEU B 258 -11.62 13.78 4.92
C LEU B 258 -12.51 14.89 4.38
N THR B 259 -13.49 15.30 5.18
CA THR B 259 -14.41 16.37 4.83
C THR B 259 -13.62 17.65 4.59
N LYS B 260 -12.56 17.84 5.37
CA LYS B 260 -11.69 18.99 5.21
C LYS B 260 -10.92 18.85 3.91
N GLN B 261 -10.42 17.64 3.65
CA GLN B 261 -9.54 17.39 2.51
C GLN B 261 -10.27 17.39 1.19
N LEU B 262 -11.53 16.98 1.21
CA LEU B 262 -12.37 17.11 0.03
C LEU B 262 -12.51 18.57 -0.34
N GLY B 263 -12.64 19.42 0.68
CA GLY B 263 -12.71 20.86 0.49
C GLY B 263 -11.50 21.34 -0.31
N ALA B 264 -10.32 21.08 0.24
CA ALA B 264 -9.05 21.52 -0.33
C ALA B 264 -8.81 21.01 -1.77
N ASN B 265 -9.54 19.97 -2.15
CA ASN B 265 -9.45 19.41 -3.50
C ASN B 265 -10.50 19.99 -4.46
N GLY B 266 -11.37 20.85 -3.93
CA GLY B 266 -12.32 21.60 -4.75
C GLY B 266 -13.77 21.17 -4.66
N ILE B 267 -14.06 20.23 -3.76
CA ILE B 267 -15.43 19.73 -3.59
C ILE B 267 -16.10 20.46 -2.44
N ARG B 268 -17.09 21.25 -2.79
CA ARG B 268 -17.82 22.03 -1.82
C ARG B 268 -18.80 21.12 -1.06
N VAL B 269 -18.40 20.71 0.15
CA VAL B 269 -19.24 19.87 1.00
C VAL B 269 -20.33 20.74 1.61
N ARG B 270 -21.42 20.11 2.04
CA ARG B 270 -22.59 20.84 2.56
C ARG B 270 -23.40 19.97 3.51
N THR B 271 -23.25 20.19 4.81
CA THR B 271 -23.94 19.36 5.80
C THR B 271 -25.33 19.90 6.13
N ASN B 272 -26.13 19.07 6.80
CA ASN B 272 -27.50 19.40 7.20
C ASN B 272 -28.31 20.08 6.10
N LEU B 273 -28.21 19.53 4.90
CA LEU B 273 -28.91 20.05 3.73
C LEU B 273 -29.47 18.93 2.86
N ASN B 274 -30.65 19.16 2.31
CA ASN B 274 -31.33 18.14 1.53
C ASN B 274 -32.26 18.81 0.52
N PRO B 275 -32.29 18.31 -0.72
CA PRO B 275 -33.26 18.87 -1.66
C PRO B 275 -34.69 18.39 -1.37
N THR B 276 -35.68 19.21 -1.77
CA THR B 276 -37.11 18.89 -1.57
C THR B 276 -37.89 18.91 -2.89
N LYS B 277 -37.39 19.68 -3.84
CA LYS B 277 -38.07 19.81 -5.13
C LYS B 277 -37.03 19.99 -6.23
N ILE B 278 -37.26 19.29 -7.34
CA ILE B 278 -36.38 19.39 -8.51
C ILE B 278 -37.22 19.56 -9.78
N THR B 279 -36.83 20.52 -10.62
CA THR B 279 -37.52 20.80 -11.88
C THR B 279 -36.49 21.02 -12.99
N LYS B 280 -36.81 20.54 -14.19
CA LYS B 280 -35.90 20.63 -15.33
C LYS B 280 -36.04 21.97 -16.06
N ASN B 281 -34.95 22.42 -16.70
CA ASN B 281 -34.90 23.78 -17.26
C ASN B 281 -35.00 23.93 -18.77
N GLU B 282 -34.75 25.17 -19.21
CA GLU B 282 -34.84 25.60 -20.61
C GLU B 282 -33.75 24.98 -21.49
N ASP B 283 -32.55 24.86 -20.94
CA ASP B 283 -31.43 24.25 -21.64
C ASP B 283 -31.24 22.78 -21.21
N GLY B 284 -32.16 22.30 -20.37
CA GLY B 284 -32.13 20.91 -19.92
C GLY B 284 -31.49 20.70 -18.56
N SER B 285 -30.60 21.60 -18.16
CA SER B 285 -29.93 21.53 -16.84
C SER B 285 -30.96 21.55 -15.70
N ASN B 286 -30.62 20.92 -14.58
CA ASN B 286 -31.58 20.70 -13.50
C ASN B 286 -31.58 21.74 -12.37
N HIS B 287 -32.77 22.18 -11.97
CA HIS B 287 -32.92 23.19 -10.91
C HIS B 287 -33.33 22.50 -9.59
N VAL B 288 -32.78 23.00 -8.49
CA VAL B 288 -32.88 22.30 -7.19
C VAL B 288 -33.33 23.20 -6.04
N HIS B 289 -34.35 22.72 -5.30
CA HIS B 289 -34.86 23.40 -4.09
C HIS B 289 -34.37 22.70 -2.82
N PHE B 290 -33.63 23.45 -2.01
CA PHE B 290 -32.93 22.89 -0.85
C PHE B 290 -33.66 23.06 0.48
N ASN B 291 -33.17 22.38 1.53
CA ASN B 291 -33.72 22.49 2.89
C ASN B 291 -33.61 23.87 3.50
N ASP B 292 -32.44 24.49 3.40
CA ASP B 292 -32.20 25.86 3.84
C ASP B 292 -33.06 26.86 3.06
N GLY B 293 -33.61 26.39 1.94
CA GLY B 293 -34.45 27.21 1.08
C GLY B 293 -33.67 28.02 0.07
N THR B 294 -32.71 27.39 -0.60
CA THR B 294 -32.08 28.03 -1.75
C THR B 294 -32.45 27.33 -3.04
N GLU B 295 -32.14 28.00 -4.14
CA GLU B 295 -32.30 27.43 -5.48
C GLU B 295 -30.96 27.45 -6.18
N GLU B 296 -30.53 26.30 -6.71
CA GLU B 296 -29.27 26.21 -7.43
C GLU B 296 -29.42 25.48 -8.76
N ASP B 297 -28.44 25.67 -9.63
CA ASP B 297 -28.48 25.04 -10.94
C ASP B 297 -27.33 24.06 -11.19
N TYR B 298 -27.70 22.84 -11.55
CA TYR B 298 -26.77 21.73 -11.80
C TYR B 298 -27.12 20.97 -13.10
N ASP B 299 -26.10 20.69 -13.90
CA ASP B 299 -26.27 19.83 -15.08
C ASP B 299 -26.83 18.48 -14.65
N GLN B 300 -26.17 17.85 -13.69
CA GLN B 300 -26.58 16.53 -13.19
C GLN B 300 -26.77 16.51 -11.69
N VAL B 301 -27.50 15.50 -11.23
CA VAL B 301 -27.68 15.29 -9.80
C VAL B 301 -27.79 13.80 -9.48
N MET B 302 -26.85 13.31 -8.68
CA MET B 302 -26.72 11.89 -8.36
C MET B 302 -27.20 11.61 -6.94
N LEU B 303 -27.83 10.46 -6.75
CA LEU B 303 -28.34 10.11 -5.41
C LEU B 303 -27.65 8.91 -4.80
N ALA B 304 -26.88 9.14 -3.75
CA ALA B 304 -26.24 8.05 -3.04
C ALA B 304 -26.94 7.80 -1.72
N ILE B 305 -28.24 7.55 -1.82
CA ILE B 305 -29.10 7.41 -0.65
C ILE B 305 -28.89 6.07 0.08
N GLY B 306 -28.57 5.03 -0.69
CA GLY B 306 -28.36 3.70 -0.12
C GLY B 306 -28.75 2.60 -1.09
N ARG B 307 -28.82 1.36 -0.61
CA ARG B 307 -29.21 0.24 -1.45
C ARG B 307 -30.17 -0.75 -0.76
N VAL B 308 -31.41 -0.80 -1.25
CA VAL B 308 -32.40 -1.83 -0.87
C VAL B 308 -32.10 -3.16 -1.58
N PRO B 309 -32.19 -4.30 -0.87
CA PRO B 309 -32.06 -5.60 -1.56
C PRO B 309 -33.02 -5.71 -2.76
N ARG B 310 -32.61 -6.46 -3.78
CA ARG B 310 -33.39 -6.57 -5.02
C ARG B 310 -34.31 -7.79 -4.97
N SER B 311 -35.34 -7.73 -4.13
CA SER B 311 -36.18 -8.91 -3.85
C SER B 311 -37.68 -8.64 -4.00
N GLN B 312 -38.01 -7.40 -4.38
CA GLN B 312 -39.38 -7.04 -4.69
C GLN B 312 -39.98 -8.02 -5.70
N ALA B 313 -39.24 -8.30 -6.76
CA ALA B 313 -39.77 -9.03 -7.91
C ALA B 313 -39.76 -10.56 -7.77
N LEU B 314 -39.02 -11.07 -6.80
CA LEU B 314 -38.71 -12.50 -6.74
C LEU B 314 -39.88 -13.39 -6.31
N GLN B 315 -40.93 -12.78 -5.77
CA GLN B 315 -42.08 -13.53 -5.24
C GLN B 315 -41.64 -14.55 -4.17
N LEU B 316 -40.89 -14.09 -3.18
CA LEU B 316 -40.44 -14.98 -2.09
C LEU B 316 -41.65 -15.51 -1.34
N ASP B 317 -42.65 -14.64 -1.21
CA ASP B 317 -43.97 -14.96 -0.65
C ASP B 317 -44.55 -16.30 -1.15
N LYS B 318 -44.57 -16.47 -2.46
CA LYS B 318 -45.17 -17.65 -3.10
C LYS B 318 -44.40 -18.95 -2.87
N ALA B 319 -43.18 -18.85 -2.34
CA ALA B 319 -42.40 -20.04 -1.99
C ALA B 319 -42.11 -20.10 -0.49
N GLY B 320 -42.62 -19.12 0.26
CA GLY B 320 -42.45 -19.07 1.72
C GLY B 320 -41.05 -18.71 2.19
N VAL B 321 -40.48 -17.67 1.57
CA VAL B 321 -39.14 -17.19 1.91
C VAL B 321 -39.23 -15.85 2.68
N ARG B 322 -38.56 -15.82 3.84
CA ARG B 322 -38.73 -14.73 4.81
C ARG B 322 -38.22 -13.35 4.39
N THR B 323 -39.16 -12.41 4.33
CA THR B 323 -38.92 -11.06 3.86
C THR B 323 -39.26 -10.06 4.96
N GLY B 324 -38.27 -9.27 5.39
CA GLY B 324 -38.44 -8.34 6.53
C GLY B 324 -38.07 -6.87 6.30
N LYS B 325 -36.82 -6.52 6.64
CA LYS B 325 -36.30 -5.16 6.50
C LYS B 325 -36.32 -4.72 5.04
N ASN B 326 -37.40 -4.01 4.67
CA ASN B 326 -37.75 -3.69 3.26
C ASN B 326 -37.34 -4.76 2.22
N GLY B 327 -37.66 -6.03 2.53
CA GLY B 327 -37.39 -7.13 1.60
C GLY B 327 -36.10 -7.92 1.78
N ALA B 328 -35.25 -7.52 2.73
CA ALA B 328 -34.03 -8.27 3.04
C ALA B 328 -34.39 -9.72 3.35
N VAL B 329 -33.58 -10.65 2.83
CA VAL B 329 -33.85 -12.07 3.00
C VAL B 329 -33.32 -12.59 4.33
N GLN B 330 -34.24 -13.05 5.18
CA GLN B 330 -33.89 -13.67 6.46
C GLN B 330 -33.07 -14.95 6.22
N VAL B 331 -31.85 -14.95 6.73
CA VAL B 331 -30.97 -16.10 6.64
C VAL B 331 -30.34 -16.34 7.98
N ASP B 332 -29.91 -17.58 8.23
CA ASP B 332 -29.06 -17.84 9.40
C ASP B 332 -27.59 -17.70 8.99
N ALA B 333 -26.68 -17.85 9.95
CA ALA B 333 -25.24 -17.61 9.74
C ALA B 333 -24.60 -18.52 8.68
N TYR B 334 -25.36 -19.53 8.26
CA TYR B 334 -24.95 -20.43 7.20
C TYR B 334 -25.70 -20.07 5.89
N SER B 335 -26.32 -18.89 5.88
CA SER B 335 -27.05 -18.31 4.73
C SER B 335 -28.37 -19.01 4.32
N LYS B 336 -28.88 -19.87 5.21
CA LYS B 336 -30.12 -20.64 4.96
C LYS B 336 -31.37 -19.85 5.32
N THR B 337 -32.33 -19.82 4.40
CA THR B 337 -33.56 -19.06 4.59
C THR B 337 -34.63 -19.88 5.33
N SER B 338 -35.84 -19.32 5.36
CA SER B 338 -36.98 -19.95 6.04
C SER B 338 -37.34 -21.34 5.50
N VAL B 339 -36.99 -21.62 4.25
CA VAL B 339 -37.12 -22.98 3.68
C VAL B 339 -35.74 -23.63 3.68
N ASP B 340 -35.71 -24.95 3.85
CA ASP B 340 -34.44 -25.66 4.12
C ASP B 340 -33.48 -25.89 2.93
N ASN B 341 -33.93 -25.53 1.73
CA ASN B 341 -33.11 -25.69 0.52
C ASN B 341 -32.84 -24.38 -0.25
N ILE B 342 -33.60 -23.33 0.04
CA ILE B 342 -33.36 -22.06 -0.63
C ILE B 342 -32.42 -21.18 0.20
N TYR B 343 -31.39 -20.63 -0.46
CA TYR B 343 -30.36 -19.84 0.21
C TYR B 343 -30.22 -18.45 -0.42
N ALA B 344 -29.66 -17.50 0.33
CA ALA B 344 -29.40 -16.16 -0.17
C ALA B 344 -28.09 -15.60 0.36
N ILE B 345 -27.37 -14.89 -0.50
CA ILE B 345 -26.09 -14.29 -0.12
C ILE B 345 -25.93 -12.86 -0.66
N GLY B 346 -24.95 -12.15 -0.10
CA GLY B 346 -24.65 -10.78 -0.50
C GLY B 346 -25.69 -9.77 -0.06
N ASP B 347 -25.85 -8.72 -0.87
CA ASP B 347 -26.63 -7.55 -0.49
C ASP B 347 -28.09 -7.84 -0.22
N VAL B 348 -28.58 -8.94 -0.77
CA VAL B 348 -30.00 -9.24 -0.63
C VAL B 348 -30.33 -9.65 0.81
N THR B 349 -29.36 -10.24 1.51
CA THR B 349 -29.50 -10.57 2.93
C THR B 349 -29.49 -9.31 3.78
N ASN B 350 -28.66 -8.36 3.35
CA ASN B 350 -28.42 -7.11 4.07
C ASN B 350 -27.82 -7.30 5.47
N ARG B 351 -26.64 -7.89 5.51
CA ARG B 351 -25.78 -7.79 6.69
C ARG B 351 -24.57 -6.93 6.31
N VAL B 352 -23.55 -7.55 5.70
CA VAL B 352 -22.37 -6.82 5.21
C VAL B 352 -22.35 -6.81 3.67
N MET B 353 -22.51 -5.61 3.09
CA MET B 353 -22.64 -5.43 1.64
C MET B 353 -21.32 -5.13 0.95
N LEU B 354 -20.54 -6.18 0.71
CA LEU B 354 -19.26 -6.04 0.00
C LEU B 354 -19.04 -7.23 -0.95
N THR B 355 -18.15 -7.04 -1.91
CA THR B 355 -17.87 -8.06 -2.89
C THR B 355 -17.18 -9.31 -2.32
N PRO B 356 -16.12 -9.12 -1.52
CA PRO B 356 -15.40 -10.31 -1.03
C PRO B 356 -16.14 -11.04 0.09
N VAL B 357 -17.18 -10.38 0.63
CA VAL B 357 -18.07 -10.96 1.64
C VAL B 357 -19.03 -11.97 0.99
N ALA B 358 -19.83 -11.51 0.03
CA ALA B 358 -20.69 -12.40 -0.74
C ALA B 358 -19.85 -13.53 -1.36
N ILE B 359 -18.63 -13.21 -1.79
CA ILE B 359 -17.69 -14.20 -2.31
C ILE B 359 -17.44 -15.28 -1.26
N ASN B 360 -17.13 -14.83 -0.03
CA ASN B 360 -16.97 -15.72 1.10
C ASN B 360 -18.29 -16.44 1.45
N GLU B 361 -19.39 -15.68 1.44
CA GLU B 361 -20.74 -16.22 1.67
C GLU B 361 -21.08 -17.34 0.68
N GLY B 362 -20.67 -17.16 -0.58
CA GLY B 362 -20.87 -18.14 -1.63
C GLY B 362 -20.04 -19.39 -1.47
N ALA B 363 -18.77 -19.22 -1.10
CA ALA B 363 -17.88 -20.36 -0.87
C ALA B 363 -18.28 -21.14 0.39
N ALA B 364 -18.75 -20.43 1.41
CA ALA B 364 -19.22 -21.04 2.66
C ALA B 364 -20.41 -21.94 2.40
N PHE B 365 -21.40 -21.38 1.72
CA PHE B 365 -22.56 -22.09 1.20
C PHE B 365 -22.20 -23.34 0.36
N VAL B 366 -21.23 -23.20 -0.52
CA VAL B 366 -20.76 -24.33 -1.33
C VAL B 366 -20.25 -25.48 -0.44
N GLU B 367 -19.36 -25.16 0.49
CA GLU B 367 -18.80 -26.15 1.43
C GLU B 367 -19.83 -26.68 2.42
N THR B 368 -20.75 -25.81 2.85
CA THR B 368 -21.80 -26.20 3.79
C THR B 368 -22.70 -27.32 3.21
N VAL B 369 -23.29 -27.11 2.03
CA VAL B 369 -24.27 -28.07 1.50
C VAL B 369 -23.72 -29.10 0.51
N PHE B 370 -22.82 -28.68 -0.38
CA PHE B 370 -22.27 -29.62 -1.35
C PHE B 370 -20.94 -30.18 -0.90
N GLY B 371 -20.20 -29.40 -0.11
CA GLY B 371 -18.90 -29.81 0.42
C GLY B 371 -18.99 -30.77 1.59
N GLY B 372 -20.21 -31.02 2.06
CA GLY B 372 -20.43 -31.91 3.19
C GLY B 372 -20.16 -31.22 4.50
N LYS B 373 -18.93 -30.74 4.68
CA LYS B 373 -18.53 -30.07 5.91
C LYS B 373 -18.94 -28.58 5.93
N PRO B 374 -19.86 -28.23 6.84
CA PRO B 374 -20.37 -26.86 6.96
C PRO B 374 -19.30 -25.85 7.39
N ARG B 375 -19.62 -24.57 7.23
CA ARG B 375 -18.72 -23.48 7.57
C ARG B 375 -19.53 -22.18 7.49
N ALA B 376 -19.35 -21.31 8.49
CA ALA B 376 -20.10 -20.05 8.57
C ALA B 376 -19.22 -18.83 8.31
N THR B 377 -19.76 -17.86 7.57
CA THR B 377 -19.01 -16.67 7.17
C THR B 377 -18.80 -15.73 8.36
N ASP B 378 -17.52 -15.44 8.66
CA ASP B 378 -17.13 -14.67 9.85
C ASP B 378 -17.22 -13.14 9.64
N HIS B 379 -18.37 -12.57 10.00
CA HIS B 379 -18.65 -11.13 9.78
C HIS B 379 -17.90 -10.19 10.73
N THR B 380 -17.40 -10.72 11.83
CA THR B 380 -16.58 -9.94 12.76
C THR B 380 -15.22 -9.64 12.14
N LYS B 381 -14.81 -8.37 12.23
CA LYS B 381 -13.47 -7.91 11.81
C LYS B 381 -13.12 -8.11 10.31
N VAL B 382 -13.95 -7.50 9.46
CA VAL B 382 -13.75 -7.45 8.01
C VAL B 382 -13.20 -6.09 7.60
N ALA B 383 -12.00 -6.09 7.03
CA ALA B 383 -11.37 -4.85 6.56
C ALA B 383 -11.99 -4.42 5.23
N CYS B 384 -12.34 -3.14 5.13
CA CYS B 384 -12.84 -2.60 3.86
C CYS B 384 -12.22 -1.25 3.55
N ALA B 385 -12.54 -0.69 2.40
CA ALA B 385 -11.97 0.59 1.99
C ALA B 385 -12.97 1.52 1.31
N VAL B 386 -12.67 2.81 1.33
CA VAL B 386 -13.47 3.81 0.64
C VAL B 386 -12.57 4.48 -0.39
N PHE B 387 -13.02 4.52 -1.64
CA PHE B 387 -12.17 4.99 -2.74
C PHE B 387 -12.39 6.46 -3.16
N SER B 388 -12.37 7.34 -2.16
CA SER B 388 -12.48 8.77 -2.34
C SER B 388 -11.15 9.36 -2.79
N ILE B 389 -11.15 10.64 -3.15
CA ILE B 389 -9.95 11.32 -3.63
C ILE B 389 -8.71 11.17 -2.71
N PRO B 390 -8.90 11.19 -1.37
CA PRO B 390 -7.95 10.44 -0.55
C PRO B 390 -8.66 9.20 -0.01
N PRO B 391 -8.03 8.02 -0.14
CA PRO B 391 -8.74 6.79 0.19
C PRO B 391 -8.68 6.41 1.67
N ILE B 392 -9.80 5.89 2.20
CA ILE B 392 -9.90 5.46 3.59
C ILE B 392 -9.79 3.94 3.68
N GLY B 393 -9.21 3.46 4.78
CA GLY B 393 -9.18 2.02 5.04
C GLY B 393 -9.32 1.69 6.51
N THR B 394 -10.44 1.07 6.88
CA THR B 394 -10.66 0.67 8.28
C THR B 394 -10.89 -0.83 8.43
N CYS B 395 -10.68 -1.30 9.66
CA CYS B 395 -11.00 -2.66 10.07
C CYS B 395 -11.32 -2.69 11.55
N GLY B 396 -12.53 -3.14 11.90
CA GLY B 396 -12.90 -3.29 13.30
C GLY B 396 -13.80 -2.21 13.83
N MET B 397 -13.48 -1.70 15.02
CA MET B 397 -14.39 -0.86 15.80
C MET B 397 -14.04 0.63 15.86
N THR B 398 -15.07 1.47 15.92
CA THR B 398 -14.93 2.90 16.17
C THR B 398 -14.63 3.13 17.66
N GLU B 399 -14.20 4.34 18.04
CA GLU B 399 -14.04 4.69 19.46
C GLU B 399 -15.40 4.57 20.14
N GLU B 400 -16.38 5.17 19.49
CA GLU B 400 -17.76 5.21 19.95
C GLU B 400 -18.30 3.82 20.29
N GLU B 401 -17.98 2.84 19.46
CA GLU B 401 -18.55 1.51 19.58
C GLU B 401 -17.73 0.56 20.45
N ALA B 402 -16.43 0.82 20.57
CA ALA B 402 -15.58 0.02 21.46
C ALA B 402 -15.78 0.44 22.93
N ALA B 403 -15.90 1.75 23.17
CA ALA B 403 -16.18 2.27 24.51
C ALA B 403 -17.63 1.99 24.92
N LYS B 404 -18.47 1.71 23.93
CA LYS B 404 -19.85 1.29 24.13
C LYS B 404 -19.89 0.03 25.01
N ASN B 405 -19.37 -1.09 24.50
CA ASN B 405 -19.41 -2.34 25.27
C ASN B 405 -18.06 -2.89 25.77
N TYR B 406 -17.04 -2.05 25.79
CA TYR B 406 -15.76 -2.42 26.44
C TYR B 406 -15.43 -1.49 27.60
N GLU B 407 -14.94 -2.12 28.67
CA GLU B 407 -14.75 -1.49 29.97
C GLU B 407 -13.67 -0.39 29.92
N THR B 408 -12.42 -0.81 29.71
CA THR B 408 -11.31 0.13 29.54
C THR B 408 -10.76 0.06 28.10
N VAL B 409 -10.78 1.20 27.41
CA VAL B 409 -10.26 1.28 26.04
C VAL B 409 -9.21 2.37 25.86
N ALA B 410 -8.07 1.99 25.29
CA ALA B 410 -7.03 2.92 24.91
C ALA B 410 -7.26 3.37 23.46
N VAL B 411 -6.94 4.63 23.18
CA VAL B 411 -6.98 5.15 21.82
C VAL B 411 -5.60 5.71 21.47
N TYR B 412 -5.02 5.20 20.39
CA TYR B 412 -3.76 5.69 19.83
C TYR B 412 -4.01 6.41 18.51
N ALA B 413 -3.34 7.55 18.35
CA ALA B 413 -3.45 8.32 17.12
C ALA B 413 -2.08 8.83 16.71
N SER B 414 -1.95 9.08 15.41
CA SER B 414 -0.72 9.58 14.84
C SER B 414 -1.06 10.09 13.45
N SER B 415 -0.70 11.33 13.17
CA SER B 415 -0.96 11.93 11.88
C SER B 415 0.26 12.67 11.41
N PHE B 416 0.76 12.30 10.23
CA PHE B 416 2.01 12.86 9.72
C PHE B 416 1.83 13.26 8.27
N THR B 417 2.66 14.20 7.83
CA THR B 417 2.60 14.68 6.45
C THR B 417 3.71 14.00 5.65
N PRO B 418 3.35 13.05 4.74
CA PRO B 418 4.35 12.30 3.99
C PRO B 418 5.40 13.23 3.41
N LEU B 419 6.65 12.78 3.40
CA LEU B 419 7.78 13.64 3.04
C LEU B 419 7.73 14.23 1.61
N MET B 420 7.02 13.56 0.69
CA MET B 420 6.91 14.00 -0.70
C MET B 420 6.00 15.22 -0.92
N HIS B 421 5.04 15.43 -0.04
CA HIS B 421 4.06 16.50 -0.21
C HIS B 421 4.56 17.88 0.24
N ASN B 422 5.80 17.94 0.72
CA ASN B 422 6.46 19.21 0.98
C ASN B 422 6.85 19.84 -0.33
N ILE B 423 7.24 18.97 -1.27
CA ILE B 423 7.66 19.39 -2.59
C ILE B 423 6.46 19.52 -3.51
N SER B 424 5.53 18.56 -3.43
CA SER B 424 4.43 18.46 -4.40
C SER B 424 3.43 19.61 -4.33
N GLY B 425 3.38 20.26 -3.16
CA GLY B 425 2.50 21.40 -2.98
C GLY B 425 1.23 21.01 -2.26
N SER B 426 0.95 19.71 -2.19
CA SER B 426 -0.23 19.20 -1.51
C SER B 426 0.05 18.99 -0.03
N LYS B 427 0.40 20.07 0.67
CA LYS B 427 0.69 20.01 2.10
C LYS B 427 -0.57 19.75 2.91
N HIS B 428 -1.69 19.53 2.24
CA HIS B 428 -2.96 19.24 2.91
C HIS B 428 -3.26 17.74 2.96
N LYS B 429 -2.45 16.95 2.25
CA LYS B 429 -2.65 15.50 2.15
C LYS B 429 -2.09 14.73 3.36
N GLU B 430 -2.55 15.13 4.54
CA GLU B 430 -2.22 14.49 5.81
C GLU B 430 -2.66 13.02 5.79
N PHE B 431 -1.70 12.10 5.91
CA PHE B 431 -2.00 10.68 6.09
C PHE B 431 -2.27 10.44 7.57
N MET B 432 -3.29 9.63 7.89
CA MET B 432 -3.73 9.46 9.27
C MET B 432 -3.99 8.00 9.67
N ILE B 433 -3.46 7.60 10.83
CA ILE B 433 -3.74 6.27 11.42
C ILE B 433 -4.38 6.43 12.80
N ARG B 434 -5.34 5.57 13.10
CA ARG B 434 -5.97 5.52 14.42
C ARG B 434 -6.07 4.08 14.85
N ILE B 435 -5.54 3.76 16.02
CA ILE B 435 -5.69 2.41 16.54
C ILE B 435 -6.48 2.43 17.85
N ILE B 436 -7.44 1.51 17.94
CA ILE B 436 -8.30 1.37 19.11
C ILE B 436 -8.09 0.02 19.81
N THR B 437 -7.68 0.08 21.08
CA THR B 437 -7.33 -1.12 21.84
C THR B 437 -8.20 -1.37 23.06
N ASN B 438 -8.04 -2.58 23.62
CA ASN B 438 -8.64 -3.00 24.88
C ASN B 438 -7.59 -2.84 25.99
N GLU B 439 -7.76 -1.81 26.82
CA GLU B 439 -6.82 -1.51 27.91
C GLU B 439 -6.58 -2.70 28.84
N SER B 440 -7.65 -3.44 29.13
CA SER B 440 -7.60 -4.67 29.91
C SER B 440 -6.76 -5.76 29.24
N ASN B 441 -6.74 -5.75 27.90
CA ASN B 441 -6.18 -6.86 27.13
C ASN B 441 -4.88 -6.52 26.38
N GLY B 442 -4.82 -5.32 25.81
CA GLY B 442 -3.83 -4.94 24.80
C GLY B 442 -4.39 -5.18 23.39
N GLU B 443 -5.49 -5.93 23.33
CA GLU B 443 -6.13 -6.38 22.08
C GLU B 443 -6.47 -5.22 21.15
N VAL B 444 -6.07 -5.37 19.89
CA VAL B 444 -6.40 -4.41 18.86
C VAL B 444 -7.81 -4.65 18.32
N LEU B 445 -8.69 -3.70 18.59
CA LEU B 445 -10.11 -3.84 18.32
C LEU B 445 -10.54 -3.11 17.05
N GLY B 446 -9.78 -2.08 16.69
CA GLY B 446 -10.02 -1.31 15.48
C GLY B 446 -8.83 -0.51 15.02
N VAL B 447 -8.62 -0.46 13.70
CA VAL B 447 -7.60 0.40 13.10
C VAL B 447 -8.21 1.17 11.92
N HIS B 448 -7.95 2.46 11.88
CA HIS B 448 -8.55 3.33 10.88
C HIS B 448 -7.50 4.17 10.19
N MET B 449 -7.53 4.17 8.85
CA MET B 449 -6.52 4.88 8.09
C MET B 449 -7.07 5.76 6.98
N LEU B 450 -6.54 6.97 6.90
CA LEU B 450 -6.85 7.89 5.83
C LEU B 450 -5.57 8.36 5.15
N GLY B 451 -5.57 8.29 3.81
CA GLY B 451 -4.41 8.68 3.01
C GLY B 451 -4.15 7.74 1.85
N ASP B 452 -3.23 8.12 0.97
CA ASP B 452 -2.88 7.30 -0.19
C ASP B 452 -2.19 6.03 0.27
N SER B 453 -2.45 4.94 -0.45
CA SER B 453 -1.93 3.61 -0.12
C SER B 453 -2.52 2.97 1.14
N ALA B 454 -3.62 3.53 1.66
CA ALA B 454 -4.29 2.93 2.82
C ALA B 454 -5.03 1.63 2.51
N PRO B 455 -5.87 1.60 1.44
CA PRO B 455 -6.66 0.40 1.16
C PRO B 455 -5.80 -0.85 1.01
N GLU B 456 -4.54 -0.68 0.66
CA GLU B 456 -3.62 -1.79 0.56
C GLU B 456 -3.20 -2.20 1.96
N ILE B 457 -2.70 -1.23 2.72
CA ILE B 457 -2.21 -1.47 4.08
C ILE B 457 -3.25 -2.25 4.90
N ILE B 458 -4.47 -1.71 4.96
CA ILE B 458 -5.53 -2.25 5.80
C ILE B 458 -5.82 -3.74 5.58
N GLN B 459 -5.61 -4.21 4.36
CA GLN B 459 -5.88 -5.60 4.00
C GLN B 459 -5.09 -6.59 4.85
N SER B 460 -3.82 -6.29 5.06
CA SER B 460 -2.97 -7.14 5.89
C SER B 460 -3.24 -6.90 7.36
N VAL B 461 -3.61 -5.67 7.71
CA VAL B 461 -4.04 -5.33 9.04
C VAL B 461 -5.14 -6.28 9.54
N GLY B 462 -6.14 -6.51 8.68
CA GLY B 462 -7.26 -7.39 9.00
C GLY B 462 -6.90 -8.86 9.05
N ILE B 463 -5.74 -9.20 8.48
CA ILE B 463 -5.18 -10.55 8.61
C ILE B 463 -4.68 -10.73 10.05
N CYS B 464 -4.08 -9.66 10.58
CA CYS B 464 -3.62 -9.61 11.96
C CYS B 464 -4.78 -9.56 12.97
N MET B 465 -5.84 -8.84 12.62
CA MET B 465 -6.96 -8.65 13.54
C MET B 465 -7.85 -9.89 13.67
N LYS B 466 -8.12 -10.57 12.56
CA LYS B 466 -8.94 -11.78 12.58
C LYS B 466 -8.12 -12.94 13.15
N MET B 467 -6.81 -12.74 13.16
CA MET B 467 -5.87 -13.64 13.80
C MET B 467 -5.88 -13.42 15.31
N GLY B 468 -6.48 -12.30 15.73
CA GLY B 468 -6.39 -11.81 17.11
C GLY B 468 -5.03 -11.14 17.29
N ALA B 469 -5.03 -9.82 17.46
CA ALA B 469 -3.77 -9.09 17.55
C ALA B 469 -3.72 -8.09 18.70
N LYS B 470 -2.52 -7.91 19.24
CA LYS B 470 -2.28 -6.97 20.34
C LYS B 470 -1.28 -5.91 19.90
N ILE B 471 -1.45 -4.69 20.40
CA ILE B 471 -0.56 -3.58 20.08
C ILE B 471 0.90 -3.93 20.39
N SER B 472 1.09 -4.80 21.38
CA SER B 472 2.42 -5.31 21.73
C SER B 472 2.98 -6.24 20.65
N ASP B 473 2.17 -6.57 19.66
CA ASP B 473 2.65 -7.17 18.42
C ASP B 473 3.05 -6.04 17.50
N PHE B 474 2.10 -5.11 17.31
CA PHE B 474 2.24 -4.06 16.33
C PHE B 474 3.52 -3.27 16.47
N HIS B 475 3.74 -2.67 17.65
CA HIS B 475 4.92 -1.85 17.84
C HIS B 475 6.23 -2.65 17.87
N SER B 476 6.18 -3.89 18.38
CA SER B 476 7.39 -4.70 18.50
C SER B 476 7.78 -5.46 17.19
N THR B 477 7.29 -4.94 16.05
CA THR B 477 7.77 -5.38 14.74
C THR B 477 8.58 -4.28 14.09
N ILE B 478 9.80 -4.64 13.66
CA ILE B 478 10.74 -3.72 13.01
C ILE B 478 10.18 -3.20 11.68
N GLY B 479 10.38 -1.91 11.40
CA GLY B 479 9.75 -1.25 10.26
C GLY B 479 10.41 -1.41 8.89
N VAL B 480 9.74 -0.84 7.88
CA VAL B 480 10.25 -0.75 6.51
C VAL B 480 10.41 0.75 6.24
N HIS B 481 11.63 1.28 6.42
CA HIS B 481 11.74 2.74 6.69
C HIS B 481 11.96 3.75 5.55
N PRO B 482 11.16 3.66 4.50
CA PRO B 482 10.69 4.89 3.88
C PRO B 482 9.22 4.81 3.48
N THR B 483 8.35 4.36 4.40
CA THR B 483 6.93 4.15 4.08
C THR B 483 5.93 4.75 5.06
N SER B 484 4.65 4.54 4.75
CA SER B 484 3.54 5.05 5.53
C SER B 484 3.07 4.00 6.52
N ALA B 485 3.11 2.74 6.10
CA ALA B 485 2.61 1.64 6.91
C ALA B 485 3.48 1.36 8.12
N GLU B 486 4.77 1.69 8.00
CA GLU B 486 5.72 1.49 9.10
C GLU B 486 5.36 2.31 10.35
N GLU B 487 4.49 3.31 10.19
CA GLU B 487 4.09 4.16 11.31
C GLU B 487 3.06 3.48 12.24
N LEU B 488 2.55 2.32 11.82
CA LEU B 488 1.74 1.43 12.69
C LEU B 488 2.54 0.91 13.89
N CYS B 489 3.84 0.70 13.68
CA CYS B 489 4.74 0.15 14.68
C CYS B 489 5.33 1.22 15.61
N SER B 490 5.01 2.48 15.34
CA SER B 490 5.55 3.59 16.14
C SER B 490 4.56 4.08 17.20
N MET B 491 3.49 3.32 17.47
CA MET B 491 2.45 3.77 18.40
C MET B 491 2.39 3.02 19.74
N ARG B 492 3.00 3.65 20.74
CA ARG B 492 3.11 3.13 22.10
C ARG B 492 2.29 3.97 23.09
N THR B 493 2.61 5.26 23.17
CA THR B 493 1.93 6.17 24.08
C THR B 493 0.55 6.52 23.52
N PRO B 494 -0.53 6.10 24.21
CA PRO B 494 -1.87 6.42 23.73
C PRO B 494 -2.15 7.93 23.70
N ALA B 495 -3.15 8.32 22.90
CA ALA B 495 -3.55 9.72 22.82
C ALA B 495 -4.48 10.05 23.97
N TYR B 496 -5.48 9.18 24.19
CA TYR B 496 -6.37 9.26 25.37
C TYR B 496 -7.14 7.95 25.59
N PHE B 497 -7.92 7.89 26.68
CA PHE B 497 -8.69 6.70 27.08
C PHE B 497 -10.20 6.92 27.08
N TYR B 498 -10.95 5.82 27.06
CA TYR B 498 -12.41 5.83 27.22
C TYR B 498 -12.83 4.92 28.38
N GLU B 499 -13.20 5.53 29.52
CA GLU B 499 -13.50 4.78 30.77
C GLU B 499 -14.98 4.42 30.97
N SER B 500 -15.35 3.23 30.51
CA SER B 500 -16.74 2.71 30.60
C SER B 500 -17.81 3.63 29.99
N GLY B 501 -17.38 4.60 29.18
CA GLY B 501 -18.29 5.57 28.56
C GLY B 501 -17.67 6.88 28.10
N LYS B 502 -16.90 7.53 28.97
CA LYS B 502 -16.38 8.89 28.69
C LYS B 502 -14.85 8.98 28.51
N ARG B 503 -14.45 9.81 27.56
CA ARG B 503 -13.02 10.08 27.30
C ARG B 503 -12.35 10.67 28.55
N VAL B 504 -11.11 10.25 28.77
CA VAL B 504 -10.34 10.60 29.98
C VAL B 504 -8.89 10.14 29.78
N GLU B 505 -7.96 10.66 30.59
CA GLU B 505 -6.57 10.18 30.58
C GLU B 505 -6.26 9.51 31.93
N LYS B 506 -7.22 8.69 32.36
CA LYS B 506 -7.48 8.23 33.75
C LYS B 506 -6.35 7.70 34.66
N LEU B 507 -6.70 7.63 35.95
CA LEU B 507 -5.85 7.15 37.04
C LEU B 507 -6.56 6.07 37.88
N SER B 508 -5.79 5.43 38.78
CA SER B 508 -6.29 4.70 39.96
C SER B 508 -7.49 3.78 39.70
#